data_3GOS
#
_entry.id   3GOS
#
_cell.length_a   57.792
_cell.length_b   69.695
_cell.length_c   106.448
_cell.angle_alpha   90.00
_cell.angle_beta   105.28
_cell.angle_gamma   90.00
#
_symmetry.space_group_name_H-M   'P 1 21 1'
#
loop_
_entity.id
_entity.type
_entity.pdbx_description
1 polymer '2,3,4,5-tetrahydropyridine-2,6-dicarboxylate N-succinyltransferase'
2 non-polymer 'MAGNESIUM ION'
3 water water
#
_entity_poly.entity_id   1
_entity_poly.type   'polypeptide(L)'
_entity_poly.pdbx_seq_one_letter_code
;QSMQQLQNVIETAFERRADITPANVDTVTREAITHVIDLLDTGALRVAEKIDGQWVTHQWLKKAVLLSFRINDNQVMEGA
ETRYYDKVPMKFAGYDEARFQREGFRVVPPATVRKGAFIARNTVLMPSYVNIGAFVDEGTMVDTWATVGSCAQIGKNVHL
SGGVGIGGVLEPLQANPTIIEDNCFVGARSEVVEGVIVEEGSVISMGVFIGQSTRIYDRETGEVHYGRVPAGSVVVSGNL
PSKDGSYSLYCAVIVKKVDAKTRSKVGINELLRTID
;
_entity_poly.pdbx_strand_id   A,B,C
#
# COMPACT_ATOMS: atom_id res chain seq x y z
N GLN A 1 -33.20 -21.35 -13.85
CA GLN A 1 -34.43 -21.21 -14.69
C GLN A 1 -34.95 -19.76 -14.73
N SER A 2 -35.44 -19.26 -13.61
CA SER A 2 -35.41 -17.82 -13.42
C SER A 2 -33.93 -17.38 -13.51
N MET A 3 -33.02 -18.20 -12.97
CA MET A 3 -31.60 -17.94 -13.11
C MET A 3 -31.11 -18.15 -14.55
N GLN A 4 -31.62 -19.16 -15.24
CA GLN A 4 -31.36 -19.32 -16.68
C GLN A 4 -31.89 -18.11 -17.47
N GLN A 5 -33.11 -17.69 -17.17
CA GLN A 5 -33.64 -16.50 -17.81
C GLN A 5 -32.78 -15.28 -17.50
N LEU A 6 -32.28 -15.15 -16.29
CA LEU A 6 -31.47 -13.95 -15.91
C LEU A 6 -30.17 -13.96 -16.72
N GLN A 7 -29.58 -15.14 -16.84
CA GLN A 7 -28.33 -15.29 -17.52
C GLN A 7 -28.52 -14.96 -18.99
N ASN A 8 -29.64 -15.37 -19.59
CA ASN A 8 -29.91 -14.95 -20.96
C ASN A 8 -30.07 -13.47 -21.18
N VAL A 9 -30.80 -12.79 -20.30
CA VAL A 9 -30.88 -11.33 -20.41
C VAL A 9 -29.51 -10.66 -20.35
N ILE A 10 -28.66 -11.07 -19.40
CA ILE A 10 -27.30 -10.58 -19.27
C ILE A 10 -26.45 -10.85 -20.51
N GLU A 11 -26.45 -12.09 -21.00
CA GLU A 11 -25.67 -12.43 -22.18
C GLU A 11 -26.10 -11.73 -23.45
N THR A 12 -27.41 -11.55 -23.64
CA THR A 12 -27.93 -10.81 -24.77
C THR A 12 -27.51 -9.35 -24.67
N ALA A 13 -27.70 -8.75 -23.49
CA ALA A 13 -27.20 -7.42 -23.28
C ALA A 13 -25.69 -7.35 -23.56
N PHE A 14 -24.91 -8.35 -23.09
CA PHE A 14 -23.47 -8.28 -23.30
C PHE A 14 -23.16 -8.26 -24.81
N GLU A 15 -23.90 -9.06 -25.55
CA GLU A 15 -23.76 -9.16 -27.02
C GLU A 15 -23.90 -7.82 -27.72
N ARG A 16 -24.81 -6.97 -27.29
CA ARG A 16 -24.96 -5.68 -27.94
C ARG A 16 -24.51 -4.53 -27.02
N ARG A 17 -23.52 -4.77 -26.19
CA ARG A 17 -23.02 -3.78 -25.22
C ARG A 17 -22.47 -2.50 -25.86
N ALA A 18 -21.93 -2.64 -27.07
CA ALA A 18 -21.48 -1.48 -27.83
C ALA A 18 -22.62 -0.52 -28.07
N ASP A 19 -23.85 -0.99 -28.09
CA ASP A 19 -25.02 -0.06 -28.22
C ASP A 19 -25.52 0.57 -26.93
N ILE A 20 -24.96 0.13 -25.81
CA ILE A 20 -25.54 0.42 -24.53
C ILE A 20 -24.65 1.40 -23.81
N THR A 21 -25.27 2.46 -23.29
CA THR A 21 -24.65 3.57 -22.61
C THR A 21 -25.50 3.95 -21.39
N PRO A 22 -24.95 4.80 -20.45
CA PRO A 22 -25.81 5.15 -19.33
C PRO A 22 -26.99 5.90 -19.84
N ALA A 23 -26.78 6.61 -20.93
CA ALA A 23 -27.83 7.46 -21.52
C ALA A 23 -29.02 6.75 -22.12
N ASN A 24 -28.80 5.58 -22.75
CA ASN A 24 -29.83 4.86 -23.46
C ASN A 24 -30.19 3.50 -22.86
N VAL A 25 -29.50 3.09 -21.79
CA VAL A 25 -29.86 1.83 -21.17
C VAL A 25 -31.33 1.76 -20.75
N ASP A 26 -31.93 0.63 -21.09
CA ASP A 26 -33.39 0.43 -20.88
C ASP A 26 -33.61 -0.20 -19.51
N THR A 27 -34.81 -0.06 -18.99
CA THR A 27 -35.01 -0.60 -17.63
C THR A 27 -34.92 -2.15 -17.50
N VAL A 28 -35.27 -2.92 -18.54
CA VAL A 28 -35.20 -4.38 -18.45
C VAL A 28 -33.76 -4.72 -18.25
N THR A 29 -32.92 -4.18 -19.14
CA THR A 29 -31.44 -4.45 -19.08
C THR A 29 -30.83 -4.04 -17.76
N ARG A 30 -31.15 -2.82 -17.32
CA ARG A 30 -30.71 -2.31 -16.08
C ARG A 30 -31.12 -3.19 -14.91
N GLU A 31 -32.37 -3.59 -14.89
CA GLU A 31 -32.88 -4.36 -13.76
C GLU A 31 -32.16 -5.68 -13.62
N ALA A 32 -31.93 -6.36 -14.73
CA ALA A 32 -31.20 -7.62 -14.71
C ALA A 32 -29.74 -7.49 -14.26
N ILE A 33 -29.03 -6.51 -14.80
CA ILE A 33 -27.67 -6.24 -14.35
C ILE A 33 -27.64 -5.95 -12.85
N THR A 34 -28.48 -5.03 -12.41
CA THR A 34 -28.47 -4.60 -11.03
C THR A 34 -28.86 -5.76 -10.10
N HIS A 35 -29.79 -6.59 -10.54
CA HIS A 35 -30.21 -7.77 -9.79
C HIS A 35 -29.06 -8.79 -9.61
N VAL A 36 -28.27 -8.99 -10.64
CA VAL A 36 -27.07 -9.87 -10.52
C VAL A 36 -26.08 -9.31 -9.53
N ILE A 37 -25.81 -8.01 -9.61
CA ILE A 37 -24.89 -7.37 -8.65
C ILE A 37 -25.45 -7.55 -7.23
N ASP A 38 -26.78 -7.42 -7.03
CA ASP A 38 -27.35 -7.62 -5.67
C ASP A 38 -27.13 -9.00 -5.13
N LEU A 39 -27.26 -9.99 -6.02
CA LEU A 39 -27.10 -11.36 -5.67
C LEU A 39 -25.63 -11.61 -5.35
N LEU A 40 -24.71 -10.94 -6.08
CA LEU A 40 -23.27 -11.11 -5.80
C LEU A 40 -22.97 -10.45 -4.42
N ASP A 41 -23.67 -9.38 -4.15
CA ASP A 41 -23.37 -8.63 -2.94
C ASP A 41 -23.74 -9.43 -1.71
N THR A 42 -24.74 -10.28 -1.83
CA THR A 42 -25.20 -11.09 -0.69
C THR A 42 -24.63 -12.47 -0.63
N GLY A 43 -23.87 -12.85 -1.64
CA GLY A 43 -23.23 -14.13 -1.75
C GLY A 43 -24.15 -15.22 -2.24
N ALA A 44 -25.35 -14.83 -2.69
CA ALA A 44 -26.34 -15.73 -3.26
C ALA A 44 -25.84 -16.26 -4.55
N LEU A 45 -25.09 -15.43 -5.30
CA LEU A 45 -24.30 -15.92 -6.46
C LEU A 45 -22.84 -15.55 -6.20
N ARG A 46 -21.90 -16.21 -6.89
CA ARG A 46 -20.47 -15.93 -6.73
C ARG A 46 -19.80 -16.23 -8.08
N VAL A 47 -18.75 -15.48 -8.41
CA VAL A 47 -18.24 -15.41 -9.75
C VAL A 47 -17.60 -16.74 -10.16
N ALA A 48 -16.92 -17.36 -9.21
CA ALA A 48 -16.39 -18.73 -9.39
C ALA A 48 -16.72 -19.48 -8.13
N GLU A 49 -16.80 -20.78 -8.22
CA GLU A 49 -17.11 -21.60 -7.09
C GLU A 49 -16.53 -23.00 -7.36
N LYS A 50 -16.28 -23.74 -6.28
CA LYS A 50 -15.62 -25.01 -6.35
C LYS A 50 -16.73 -26.07 -6.41
N ILE A 51 -16.85 -26.76 -7.55
CA ILE A 51 -17.94 -27.69 -7.73
C ILE A 51 -17.35 -29.01 -8.08
N ASP A 52 -17.80 -30.04 -7.35
CA ASP A 52 -17.20 -31.36 -7.49
C ASP A 52 -15.69 -31.19 -7.39
N GLY A 53 -15.23 -30.39 -6.43
CA GLY A 53 -13.80 -30.18 -6.16
C GLY A 53 -12.96 -29.44 -7.20
N GLN A 54 -13.59 -28.89 -8.23
CA GLN A 54 -12.84 -28.01 -9.18
C GLN A 54 -13.51 -26.68 -9.30
N TRP A 55 -12.74 -25.66 -9.66
CA TRP A 55 -13.29 -24.32 -9.70
C TRP A 55 -13.95 -24.10 -11.04
N VAL A 56 -15.15 -23.57 -10.98
CA VAL A 56 -15.98 -23.27 -12.11
C VAL A 56 -16.16 -21.77 -12.15
N THR A 57 -16.02 -21.18 -13.32
CA THR A 57 -16.07 -19.76 -13.42
C THR A 57 -17.32 -19.41 -14.21
N HIS A 58 -18.08 -18.47 -13.73
CA HIS A 58 -19.35 -18.12 -14.36
C HIS A 58 -19.13 -16.86 -15.11
N GLN A 59 -18.78 -17.05 -16.38
CA GLN A 59 -18.50 -15.93 -17.25
C GLN A 59 -19.64 -14.93 -17.31
N TRP A 60 -20.86 -15.42 -17.33
CA TRP A 60 -21.99 -14.49 -17.42
C TRP A 60 -22.04 -13.59 -16.20
N LEU A 61 -21.55 -14.04 -15.06
CA LEU A 61 -21.46 -13.12 -13.89
C LEU A 61 -20.44 -11.97 -14.10
N LYS A 62 -19.32 -12.32 -14.70
CA LYS A 62 -18.31 -11.38 -15.13
C LYS A 62 -18.88 -10.39 -16.16
N LYS A 63 -19.70 -10.89 -17.07
CA LYS A 63 -20.35 -10.02 -18.04
C LYS A 63 -21.27 -9.06 -17.31
N ALA A 64 -21.93 -9.54 -16.25
CA ALA A 64 -22.87 -8.64 -15.53
C ALA A 64 -22.09 -7.57 -14.84
N VAL A 65 -20.97 -7.94 -14.24
CA VAL A 65 -20.18 -7.01 -13.48
C VAL A 65 -19.64 -5.94 -14.44
N LEU A 66 -19.07 -6.41 -15.55
CA LEU A 66 -18.55 -5.52 -16.63
C LEU A 66 -19.67 -4.61 -17.08
N LEU A 67 -20.84 -5.17 -17.35
CA LEU A 67 -21.94 -4.35 -17.84
C LEU A 67 -22.33 -3.31 -16.81
N SER A 68 -22.30 -3.65 -15.51
CA SER A 68 -22.68 -2.71 -14.43
C SER A 68 -21.83 -1.44 -14.46
N PHE A 69 -20.63 -1.54 -14.95
CA PHE A 69 -19.87 -0.31 -15.21
C PHE A 69 -20.39 0.46 -16.42
N ARG A 70 -20.56 -0.22 -17.52
CA ARG A 70 -20.97 0.41 -18.78
C ARG A 70 -22.29 1.14 -18.64
N ILE A 71 -23.26 0.58 -17.92
CA ILE A 71 -24.61 1.11 -17.98
C ILE A 71 -24.84 2.22 -16.93
N ASN A 72 -23.85 2.42 -16.05
CA ASN A 72 -23.99 3.49 -15.01
C ASN A 72 -23.05 4.67 -15.21
N ASP A 73 -23.59 5.86 -15.08
CA ASP A 73 -22.80 7.05 -14.96
C ASP A 73 -22.07 7.23 -13.62
N ASN A 74 -20.94 7.91 -13.67
CA ASN A 74 -20.33 8.34 -12.44
C ASN A 74 -21.22 9.33 -11.77
N GLN A 75 -21.11 9.35 -10.46
CA GLN A 75 -21.87 10.23 -9.59
C GLN A 75 -20.89 10.84 -8.60
N VAL A 76 -21.10 12.10 -8.22
CA VAL A 76 -20.36 12.64 -7.10
C VAL A 76 -20.72 11.92 -5.86
N MET A 77 -19.71 11.51 -5.07
CA MET A 77 -19.88 10.93 -3.73
C MET A 77 -19.21 11.84 -2.69
N GLU A 78 -20.04 12.41 -1.79
CA GLU A 78 -19.50 13.26 -0.74
C GLU A 78 -18.65 12.42 0.26
N GLY A 79 -17.43 12.87 0.53
CA GLY A 79 -16.50 12.15 1.44
C GLY A 79 -15.87 12.96 2.58
N ALA A 80 -16.65 13.85 3.18
CA ALA A 80 -16.19 14.69 4.28
C ALA A 80 -15.11 15.63 3.78
N GLU A 81 -13.83 15.24 3.93
CA GLU A 81 -12.70 16.10 3.56
C GLU A 81 -12.44 16.24 2.06
N THR A 82 -12.99 15.28 1.30
CA THR A 82 -12.80 15.17 -0.13
C THR A 82 -14.14 14.71 -0.72
N ARG A 83 -14.15 14.64 -2.03
CA ARG A 83 -15.26 14.14 -2.78
C ARG A 83 -14.71 13.18 -3.79
N TYR A 84 -15.52 12.20 -4.12
CA TYR A 84 -15.24 11.24 -5.15
C TYR A 84 -16.18 11.35 -6.33
N TYR A 85 -15.89 10.61 -7.38
CA TYR A 85 -16.72 10.66 -8.56
C TYR A 85 -16.55 9.32 -9.27
N ASP A 86 -17.52 8.45 -9.09
CA ASP A 86 -17.37 7.11 -9.61
C ASP A 86 -18.76 6.49 -9.80
N LYS A 87 -18.81 5.36 -10.43
CA LYS A 87 -20.08 4.77 -10.85
C LYS A 87 -20.49 3.48 -10.08
N VAL A 88 -19.68 3.02 -9.15
CA VAL A 88 -19.95 1.85 -8.34
C VAL A 88 -20.22 2.27 -6.91
N PRO A 89 -21.43 1.96 -6.43
CA PRO A 89 -21.92 2.24 -5.13
C PRO A 89 -21.09 1.54 -4.08
N MET A 90 -21.10 2.14 -2.91
CA MET A 90 -20.31 1.60 -1.76
C MET A 90 -21.25 0.62 -1.01
N LYS A 91 -20.72 -0.56 -0.73
CA LYS A 91 -21.50 -1.63 -0.06
C LYS A 91 -22.15 -1.17 1.23
N PHE A 92 -21.43 -0.42 2.05
CA PHE A 92 -21.92 -0.19 3.41
C PHE A 92 -22.64 1.09 3.61
N ALA A 93 -22.78 1.86 2.54
CA ALA A 93 -23.32 3.22 2.65
C ALA A 93 -24.63 3.28 3.39
N GLY A 94 -25.45 2.25 3.27
CA GLY A 94 -26.73 2.25 3.95
C GLY A 94 -26.88 1.20 5.03
N TYR A 95 -25.77 0.65 5.57
CA TYR A 95 -25.88 -0.36 6.60
C TYR A 95 -26.20 0.25 7.88
N ASP A 96 -26.93 -0.52 8.69
CA ASP A 96 -27.22 -0.09 10.04
C ASP A 96 -26.65 -1.15 10.96
N GLU A 97 -26.70 -0.90 12.27
CA GLU A 97 -26.11 -1.80 13.25
C GLU A 97 -26.66 -3.17 13.15
N ALA A 98 -27.98 -3.28 12.98
CA ALA A 98 -28.65 -4.57 12.89
C ALA A 98 -28.10 -5.42 11.75
N ARG A 99 -27.84 -4.77 10.60
CA ARG A 99 -27.31 -5.54 9.46
C ARG A 99 -25.87 -5.94 9.75
N PHE A 100 -25.04 -5.04 10.23
CA PHE A 100 -23.66 -5.48 10.62
C PHE A 100 -23.69 -6.62 11.64
N GLN A 101 -24.58 -6.51 12.62
CA GLN A 101 -24.70 -7.54 13.68
C GLN A 101 -25.02 -8.87 13.05
N ARG A 102 -26.02 -8.86 12.18
CA ARG A 102 -26.43 -10.05 11.42
C ARG A 102 -25.35 -10.72 10.56
N GLU A 103 -24.61 -9.90 9.80
CA GLU A 103 -23.64 -10.44 8.84
C GLU A 103 -22.33 -10.78 9.52
N GLY A 104 -22.11 -10.24 10.73
CA GLY A 104 -21.10 -10.69 11.67
C GLY A 104 -19.61 -10.58 11.37
N PHE A 105 -19.26 -9.65 10.47
CA PHE A 105 -17.84 -9.26 10.22
C PHE A 105 -17.56 -7.90 10.80
N ARG A 106 -16.27 -7.49 10.77
CA ARG A 106 -15.88 -6.15 11.22
C ARG A 106 -15.27 -5.44 10.04
N VAL A 107 -15.48 -4.15 10.05
CA VAL A 107 -14.99 -3.24 9.01
C VAL A 107 -14.26 -2.12 9.68
N VAL A 108 -12.92 -2.22 9.70
CA VAL A 108 -12.06 -1.28 10.39
C VAL A 108 -11.80 0.01 9.55
N PRO A 109 -12.21 1.20 10.05
CA PRO A 109 -11.91 2.36 9.22
C PRO A 109 -10.41 2.52 8.90
N PRO A 110 -10.05 2.96 7.68
CA PRO A 110 -10.98 3.38 6.65
C PRO A 110 -11.21 2.27 5.58
N ALA A 111 -11.35 1.01 6.00
CA ALA A 111 -11.67 -0.09 5.12
C ALA A 111 -12.96 0.20 4.34
N THR A 112 -12.94 -0.13 3.05
CA THR A 112 -14.13 -0.02 2.20
C THR A 112 -14.27 -1.12 1.16
N VAL A 113 -15.47 -1.24 0.69
CA VAL A 113 -15.95 -2.37 -0.11
C VAL A 113 -16.96 -1.82 -1.05
N ARG A 114 -16.79 -2.19 -2.31
CA ARG A 114 -17.78 -1.87 -3.31
C ARG A 114 -18.97 -2.77 -3.21
N LYS A 115 -20.13 -2.23 -3.54
CA LYS A 115 -21.34 -3.04 -3.61
C LYS A 115 -21.16 -4.08 -4.74
N GLY A 116 -21.46 -5.33 -4.39
CA GLY A 116 -21.34 -6.43 -5.29
C GLY A 116 -20.21 -7.31 -4.90
N ALA A 117 -19.67 -7.12 -3.70
CA ALA A 117 -18.75 -8.12 -3.11
C ALA A 117 -19.35 -8.66 -1.80
N PHE A 118 -19.12 -9.95 -1.57
CA PHE A 118 -19.67 -10.63 -0.41
C PHE A 118 -18.59 -10.77 0.64
N ILE A 119 -18.88 -10.24 1.83
CA ILE A 119 -18.10 -10.50 3.04
C ILE A 119 -18.82 -11.45 4.03
N ALA A 120 -18.14 -12.52 4.43
CA ALA A 120 -18.80 -13.51 5.30
C ALA A 120 -18.52 -13.22 6.77
N ARG A 121 -19.22 -13.97 7.61
CA ARG A 121 -19.17 -13.81 9.05
C ARG A 121 -17.80 -14.11 9.61
N ASN A 122 -17.46 -13.43 10.69
CA ASN A 122 -16.19 -13.56 11.41
C ASN A 122 -14.92 -13.18 10.64
N THR A 123 -15.09 -12.52 9.52
CA THR A 123 -13.98 -11.92 8.81
C THR A 123 -13.74 -10.48 9.34
N VAL A 124 -12.48 -10.05 9.30
CA VAL A 124 -12.10 -8.75 9.77
C VAL A 124 -11.40 -8.00 8.62
N LEU A 125 -12.02 -6.96 8.13
CA LEU A 125 -11.35 -6.12 7.15
C LEU A 125 -10.64 -4.97 7.90
N MET A 126 -9.34 -5.11 8.09
CA MET A 126 -8.44 -3.98 8.46
C MET A 126 -8.48 -2.97 7.28
N PRO A 127 -7.92 -1.75 7.43
CA PRO A 127 -7.93 -0.81 6.27
C PRO A 127 -7.51 -1.55 5.05
N SER A 128 -8.46 -1.64 4.11
CA SER A 128 -8.28 -2.37 2.94
C SER A 128 -9.36 -2.02 1.92
N TYR A 129 -9.31 -2.73 0.79
CA TYR A 129 -10.21 -2.49 -0.33
C TYR A 129 -10.63 -3.86 -0.86
N VAL A 130 -11.92 -4.06 -0.98
CA VAL A 130 -12.49 -5.23 -1.62
C VAL A 130 -13.31 -4.80 -2.78
N ASN A 131 -12.96 -5.24 -3.95
CA ASN A 131 -13.57 -4.70 -5.18
C ASN A 131 -14.81 -5.52 -5.58
N ILE A 132 -15.58 -5.04 -6.57
CA ILE A 132 -16.82 -5.64 -6.97
C ILE A 132 -16.62 -7.09 -7.52
N GLY A 133 -17.53 -7.97 -7.16
CA GLY A 133 -17.56 -9.36 -7.50
C GLY A 133 -16.66 -10.26 -6.68
N ALA A 134 -15.94 -9.71 -5.74
CA ALA A 134 -15.18 -10.53 -4.80
C ALA A 134 -16.06 -11.25 -3.75
N PHE A 135 -15.52 -12.35 -3.24
CA PHE A 135 -16.17 -13.19 -2.26
C PHE A 135 -15.09 -13.48 -1.27
N VAL A 136 -15.30 -13.06 -0.03
CA VAL A 136 -14.35 -13.26 1.06
C VAL A 136 -15.09 -14.10 2.14
N ASP A 137 -14.72 -15.37 2.27
CA ASP A 137 -15.39 -16.33 3.16
C ASP A 137 -15.04 -16.17 4.64
N GLU A 138 -15.59 -17.05 5.49
CA GLU A 138 -15.66 -16.81 6.94
C GLU A 138 -14.34 -16.92 7.65
N GLY A 139 -14.18 -16.12 8.68
CA GLY A 139 -13.00 -16.24 9.58
C GLY A 139 -11.67 -15.84 8.96
N THR A 140 -11.80 -15.07 7.89
CA THR A 140 -10.67 -14.50 7.17
C THR A 140 -10.25 -13.09 7.67
N MET A 141 -8.92 -12.89 7.68
CA MET A 141 -8.34 -11.62 8.01
C MET A 141 -7.84 -11.01 6.71
N VAL A 142 -8.21 -9.77 6.50
CA VAL A 142 -7.70 -8.95 5.41
C VAL A 142 -7.07 -7.76 6.09
N ASP A 143 -5.73 -7.83 6.19
CA ASP A 143 -4.94 -6.92 6.96
C ASP A 143 -4.68 -5.60 6.21
N THR A 144 -3.90 -4.73 6.85
CA THR A 144 -3.85 -3.32 6.52
C THR A 144 -3.19 -3.10 5.16
N TRP A 145 -3.90 -2.39 4.32
CA TRP A 145 -3.56 -2.13 2.86
C TRP A 145 -3.46 -3.35 2.02
N ALA A 146 -4.22 -4.36 2.40
CA ALA A 146 -4.50 -5.47 1.51
C ALA A 146 -5.52 -5.06 0.49
N THR A 147 -5.60 -5.84 -0.58
CA THR A 147 -6.57 -5.54 -1.63
C THR A 147 -7.13 -6.85 -2.15
N VAL A 148 -8.44 -6.96 -2.23
CA VAL A 148 -9.10 -8.15 -2.72
C VAL A 148 -9.72 -7.67 -4.01
N GLY A 149 -9.10 -7.99 -5.14
CA GLY A 149 -9.50 -7.45 -6.48
C GLY A 149 -10.84 -7.98 -6.98
N SER A 150 -11.25 -7.48 -8.13
CA SER A 150 -12.55 -7.75 -8.75
C SER A 150 -12.67 -9.24 -8.98
N CYS A 151 -13.78 -9.84 -8.54
CA CYS A 151 -14.07 -11.25 -8.70
C CYS A 151 -13.21 -12.27 -7.90
N ALA A 152 -12.25 -11.80 -7.08
CA ALA A 152 -11.28 -12.68 -6.40
C ALA A 152 -12.09 -13.48 -5.39
N GLN A 153 -11.74 -14.74 -5.22
CA GLN A 153 -12.40 -15.61 -4.26
C GLN A 153 -11.41 -15.90 -3.16
N ILE A 154 -11.71 -15.45 -1.94
CA ILE A 154 -10.84 -15.68 -0.75
C ILE A 154 -11.59 -16.68 0.17
N GLY A 155 -10.92 -17.74 0.57
CA GLY A 155 -11.56 -18.81 1.34
C GLY A 155 -11.68 -18.47 2.80
N LYS A 156 -12.16 -19.46 3.52
CA LYS A 156 -12.31 -19.47 4.94
C LYS A 156 -11.00 -19.59 5.63
N ASN A 157 -10.91 -18.84 6.74
CA ASN A 157 -9.73 -18.90 7.63
C ASN A 157 -8.39 -18.63 6.93
N VAL A 158 -8.45 -17.70 6.01
CA VAL A 158 -7.34 -17.17 5.29
C VAL A 158 -6.81 -15.89 5.99
N HIS A 159 -5.48 -15.76 5.98
CA HIS A 159 -4.80 -14.59 6.43
C HIS A 159 -4.08 -13.91 5.28
N LEU A 160 -4.66 -12.81 4.86
CA LEU A 160 -4.02 -11.88 3.94
C LEU A 160 -3.32 -10.83 4.77
N SER A 161 -1.99 -10.99 4.91
CA SER A 161 -1.19 -10.12 5.71
C SER A 161 -1.17 -8.68 5.18
N GLY A 162 -0.47 -7.84 5.93
CA GLY A 162 -0.47 -6.45 5.57
C GLY A 162 0.07 -6.27 4.14
N GLY A 163 -0.63 -5.49 3.38
CA GLY A 163 -0.09 -5.03 2.13
C GLY A 163 -0.14 -6.12 1.11
N VAL A 164 -1.01 -7.08 1.31
CA VAL A 164 -1.22 -8.20 0.37
C VAL A 164 -2.30 -7.89 -0.70
N GLY A 165 -1.93 -7.96 -1.96
CA GLY A 165 -2.89 -7.69 -3.07
C GLY A 165 -3.20 -8.99 -3.84
N ILE A 166 -4.49 -9.20 -4.03
CA ILE A 166 -5.03 -10.32 -4.77
C ILE A 166 -5.64 -9.71 -6.01
N GLY A 167 -5.09 -10.08 -7.16
CA GLY A 167 -5.32 -9.31 -8.37
C GLY A 167 -6.74 -9.51 -8.82
N GLY A 168 -7.32 -8.47 -9.36
CA GLY A 168 -8.58 -8.52 -10.03
C GLY A 168 -8.46 -9.25 -11.37
N VAL A 169 -9.55 -9.88 -11.81
CA VAL A 169 -9.59 -10.49 -13.15
C VAL A 169 -10.96 -10.30 -13.71
N LEU A 170 -11.29 -9.08 -14.09
CA LEU A 170 -12.54 -8.89 -14.82
C LEU A 170 -12.20 -9.30 -16.22
N GLU A 171 -11.31 -8.56 -16.88
CA GLU A 171 -10.79 -9.11 -18.17
C GLU A 171 -9.38 -9.72 -18.00
N PRO A 172 -9.02 -10.71 -18.83
CA PRO A 172 -9.87 -11.17 -19.90
C PRO A 172 -11.12 -11.76 -19.31
N LEU A 173 -12.21 -11.60 -20.04
CA LEU A 173 -13.49 -12.16 -19.65
C LEU A 173 -13.49 -13.68 -19.38
N GLN A 174 -12.65 -14.45 -20.04
CA GLN A 174 -12.74 -15.86 -19.87
C GLN A 174 -12.01 -16.37 -18.58
N ALA A 175 -11.09 -15.59 -18.05
CA ALA A 175 -10.16 -16.08 -17.04
C ALA A 175 -10.90 -16.33 -15.73
N ASN A 176 -10.48 -17.38 -15.02
CA ASN A 176 -10.94 -17.47 -13.60
C ASN A 176 -10.36 -16.35 -12.72
N PRO A 177 -11.03 -16.08 -11.60
CA PRO A 177 -10.50 -15.04 -10.73
C PRO A 177 -9.29 -15.57 -10.03
N THR A 178 -8.58 -14.66 -9.37
CA THR A 178 -7.50 -15.02 -8.48
C THR A 178 -8.23 -15.69 -7.31
N ILE A 179 -7.69 -16.84 -6.90
CA ILE A 179 -8.26 -17.69 -5.84
C ILE A 179 -7.31 -17.99 -4.72
N ILE A 180 -7.70 -17.65 -3.49
CA ILE A 180 -6.97 -18.09 -2.30
C ILE A 180 -7.86 -19.11 -1.58
N GLU A 181 -7.49 -20.40 -1.63
CA GLU A 181 -8.30 -21.41 -0.98
C GLU A 181 -8.22 -21.33 0.53
N ASP A 182 -9.04 -22.16 1.15
CA ASP A 182 -9.17 -22.20 2.58
C ASP A 182 -7.85 -22.35 3.29
N ASN A 183 -7.75 -21.72 4.46
CA ASN A 183 -6.64 -21.97 5.43
C ASN A 183 -5.25 -21.52 4.98
N CYS A 184 -5.19 -20.55 4.08
CA CYS A 184 -3.92 -20.14 3.53
C CYS A 184 -3.43 -18.97 4.29
N PHE A 185 -2.11 -18.89 4.45
CA PHE A 185 -1.48 -17.70 4.96
C PHE A 185 -0.71 -17.06 3.80
N VAL A 186 -0.94 -15.77 3.63
CA VAL A 186 -0.21 -14.94 2.68
C VAL A 186 0.54 -13.80 3.35
N GLY A 187 1.89 -13.92 3.35
CA GLY A 187 2.79 -12.99 3.97
C GLY A 187 2.79 -11.59 3.38
N ALA A 188 3.19 -10.65 4.24
CA ALA A 188 3.02 -9.27 3.98
C ALA A 188 3.76 -8.84 2.74
N ARG A 189 3.11 -7.97 2.02
CA ARG A 189 3.67 -7.31 0.81
C ARG A 189 3.64 -8.23 -0.40
N SER A 190 3.06 -9.38 -0.23
CA SER A 190 2.95 -10.28 -1.35
C SER A 190 1.86 -9.86 -2.35
N GLU A 191 1.86 -10.40 -3.57
CA GLU A 191 0.83 -9.99 -4.60
C GLU A 191 0.66 -11.18 -5.47
N VAL A 192 -0.59 -11.63 -5.56
CA VAL A 192 -0.97 -12.85 -6.23
C VAL A 192 -2.09 -12.41 -7.18
N VAL A 193 -1.88 -12.64 -8.46
CA VAL A 193 -2.62 -11.95 -9.51
C VAL A 193 -3.02 -12.92 -10.65
N GLU A 194 -3.85 -12.38 -11.55
CA GLU A 194 -4.03 -12.97 -12.88
C GLU A 194 -4.64 -14.38 -12.88
N GLY A 195 -5.52 -14.68 -11.92
CA GLY A 195 -6.14 -15.98 -11.81
C GLY A 195 -5.30 -17.05 -11.18
N VAL A 196 -4.18 -16.70 -10.52
CA VAL A 196 -3.37 -17.75 -9.91
C VAL A 196 -4.25 -18.40 -8.87
N ILE A 197 -4.13 -19.69 -8.71
CA ILE A 197 -4.85 -20.41 -7.64
C ILE A 197 -3.85 -20.84 -6.61
N VAL A 198 -3.97 -20.27 -5.40
CA VAL A 198 -3.19 -20.68 -4.21
C VAL A 198 -4.06 -21.72 -3.45
N GLU A 199 -3.66 -22.98 -3.51
CA GLU A 199 -4.41 -24.05 -2.92
C GLU A 199 -4.26 -24.15 -1.42
N GLU A 200 -5.24 -24.84 -0.83
CA GLU A 200 -5.55 -24.76 0.56
C GLU A 200 -4.37 -25.15 1.42
N GLY A 201 -4.28 -24.38 2.50
CA GLY A 201 -3.31 -24.68 3.55
C GLY A 201 -1.90 -24.33 3.17
N SER A 202 -1.74 -23.52 2.13
CA SER A 202 -0.44 -22.98 1.76
C SER A 202 -0.03 -21.80 2.61
N VAL A 203 1.27 -21.61 2.69
CA VAL A 203 1.89 -20.57 3.49
C VAL A 203 2.83 -19.81 2.56
N ILE A 204 2.50 -18.57 2.29
CA ILE A 204 3.29 -17.81 1.35
C ILE A 204 3.99 -16.78 2.19
N SER A 205 5.30 -16.65 2.01
CA SER A 205 6.06 -15.73 2.81
C SER A 205 5.87 -14.33 2.34
N MET A 206 6.71 -13.45 2.91
CA MET A 206 6.70 -12.05 2.59
C MET A 206 7.30 -11.77 1.25
N GLY A 207 6.73 -10.75 0.63
CA GLY A 207 7.20 -10.22 -0.60
C GLY A 207 7.25 -11.20 -1.74
N VAL A 208 6.25 -12.08 -1.81
CA VAL A 208 6.16 -13.02 -2.91
C VAL A 208 5.18 -12.48 -3.94
N PHE A 209 5.65 -12.40 -5.19
CA PHE A 209 4.90 -11.86 -6.35
C PHE A 209 4.64 -12.95 -7.46
N ILE A 210 3.40 -13.43 -7.57
CA ILE A 210 3.05 -14.54 -8.43
C ILE A 210 1.92 -14.10 -9.36
N GLY A 211 2.27 -14.00 -10.62
CA GLY A 211 1.29 -13.85 -11.67
C GLY A 211 1.41 -15.11 -12.49
N GLN A 212 0.79 -15.09 -13.67
CA GLN A 212 0.76 -16.25 -14.55
C GLN A 212 2.12 -16.57 -15.16
N SER A 213 3.01 -15.59 -15.26
CA SER A 213 4.35 -15.79 -15.77
C SER A 213 5.36 -16.18 -14.76
N THR A 214 5.03 -16.09 -13.47
CA THR A 214 5.97 -16.40 -12.42
C THR A 214 6.33 -17.90 -12.29
N ARG A 215 7.61 -18.24 -12.41
CA ARG A 215 8.08 -19.59 -12.13
C ARG A 215 7.95 -19.85 -10.65
N ILE A 216 7.23 -20.92 -10.33
CA ILE A 216 7.09 -21.38 -8.96
C ILE A 216 7.90 -22.62 -8.95
N TYR A 217 9.07 -22.53 -8.36
CA TYR A 217 10.08 -23.61 -8.41
C TYR A 217 10.00 -24.55 -7.22
N ASP A 218 9.89 -25.86 -7.51
CA ASP A 218 9.81 -26.81 -6.45
C ASP A 218 11.23 -27.31 -6.23
N ARG A 219 11.87 -26.84 -5.17
CA ARG A 219 13.27 -27.16 -5.01
C ARG A 219 13.54 -28.63 -4.73
N GLU A 220 12.49 -29.39 -4.41
CA GLU A 220 12.63 -30.82 -4.06
C GLU A 220 12.62 -31.74 -5.28
N THR A 221 11.74 -31.43 -6.22
CA THR A 221 11.56 -32.21 -7.42
C THR A 221 12.28 -31.55 -8.59
N GLY A 222 12.73 -30.33 -8.39
CA GLY A 222 13.07 -29.43 -9.48
C GLY A 222 11.91 -28.98 -10.39
N GLU A 223 10.67 -29.35 -10.12
CA GLU A 223 9.51 -28.89 -10.96
C GLU A 223 9.46 -27.37 -11.01
N VAL A 224 8.78 -26.85 -12.03
CA VAL A 224 8.42 -25.43 -12.09
C VAL A 224 6.96 -25.36 -12.38
N HIS A 225 6.20 -24.85 -11.44
CA HIS A 225 4.74 -24.67 -11.62
C HIS A 225 4.52 -23.30 -12.16
N TYR A 226 3.40 -23.13 -12.87
CA TYR A 226 2.90 -21.83 -13.29
C TYR A 226 1.45 -21.74 -12.90
N GLY A 227 1.04 -20.60 -12.38
CA GLY A 227 -0.36 -20.40 -12.19
C GLY A 227 -1.07 -21.08 -11.05
N ARG A 228 -0.36 -21.90 -10.27
CA ARG A 228 -0.98 -22.71 -9.23
C ARG A 228 0.00 -22.93 -8.10
N VAL A 229 -0.36 -22.56 -6.88
CA VAL A 229 0.47 -22.99 -5.74
C VAL A 229 -0.14 -24.26 -5.18
N PRO A 230 0.57 -25.39 -5.31
CA PRO A 230 0.01 -26.67 -4.81
C PRO A 230 -0.35 -26.65 -3.28
N ALA A 231 -1.46 -27.29 -2.89
CA ALA A 231 -1.94 -27.35 -1.51
C ALA A 231 -0.85 -27.60 -0.49
N GLY A 232 -0.79 -26.78 0.57
CA GLY A 232 0.17 -26.94 1.68
C GLY A 232 1.62 -26.64 1.38
N SER A 233 1.83 -25.93 0.28
CA SER A 233 3.12 -25.43 -0.12
C SER A 233 3.57 -24.34 0.77
N VAL A 234 4.85 -24.40 1.15
CA VAL A 234 5.42 -23.27 1.83
C VAL A 234 6.30 -22.56 0.81
N VAL A 235 6.06 -21.27 0.66
CA VAL A 235 6.58 -20.54 -0.50
C VAL A 235 7.29 -19.29 -0.10
N VAL A 236 8.53 -19.16 -0.63
CA VAL A 236 9.30 -17.93 -0.50
C VAL A 236 9.86 -17.41 -1.82
N SER A 237 10.39 -16.19 -1.76
CA SER A 237 10.97 -15.51 -2.92
C SER A 237 12.33 -16.12 -3.14
N GLY A 238 12.77 -16.10 -4.37
CA GLY A 238 14.09 -16.62 -4.70
C GLY A 238 14.49 -16.15 -6.07
N ASN A 239 15.54 -16.75 -6.64
CA ASN A 239 15.90 -16.43 -7.99
C ASN A 239 16.33 -17.75 -8.60
N LEU A 240 16.26 -17.79 -9.93
CA LEU A 240 16.75 -18.90 -10.71
C LEU A 240 17.87 -18.27 -11.58
N PRO A 241 19.05 -18.89 -11.58
CA PRO A 241 20.17 -18.28 -12.30
C PRO A 241 20.12 -18.52 -13.81
N SER A 242 20.75 -17.61 -14.53
CA SER A 242 20.88 -17.78 -15.96
C SER A 242 21.84 -18.93 -16.23
N LYS A 243 21.81 -19.50 -17.44
CA LYS A 243 22.72 -20.60 -17.81
C LYS A 243 24.16 -20.30 -17.43
N ASP A 244 24.65 -19.15 -17.83
CA ASP A 244 26.05 -18.81 -17.67
C ASP A 244 26.30 -18.20 -16.29
N GLY A 245 25.22 -17.92 -15.57
CA GLY A 245 25.33 -17.45 -14.19
C GLY A 245 25.64 -15.97 -14.07
N SER A 246 25.55 -15.25 -15.19
CA SER A 246 25.84 -13.83 -15.23
C SER A 246 24.82 -13.06 -14.39
N TYR A 247 23.61 -13.60 -14.32
CA TYR A 247 22.49 -12.92 -13.57
C TYR A 247 21.47 -13.97 -13.19
N SER A 248 20.46 -13.56 -12.43
CA SER A 248 19.42 -14.46 -11.96
C SER A 248 18.15 -13.63 -12.01
N LEU A 249 17.00 -14.30 -12.08
CA LEU A 249 15.71 -13.59 -12.12
C LEU A 249 14.74 -14.15 -11.07
N TYR A 250 13.76 -13.32 -10.72
CA TYR A 250 12.88 -13.58 -9.64
C TYR A 250 12.11 -14.85 -9.95
N CYS A 251 11.92 -15.62 -8.89
CA CYS A 251 10.88 -16.67 -8.82
C CYS A 251 10.33 -16.84 -7.41
N ALA A 252 9.30 -17.68 -7.31
CA ALA A 252 8.86 -18.32 -6.10
C ALA A 252 9.47 -19.69 -5.96
N VAL A 253 9.75 -20.05 -4.72
CA VAL A 253 10.34 -21.34 -4.40
C VAL A 253 9.54 -21.98 -3.30
N ILE A 254 9.02 -23.16 -3.64
CA ILE A 254 8.32 -24.07 -2.74
C ILE A 254 9.44 -24.74 -1.98
N VAL A 255 9.61 -24.35 -0.72
CA VAL A 255 10.72 -24.85 0.11
C VAL A 255 10.30 -25.95 1.07
N LYS A 256 9.00 -26.22 1.16
CA LYS A 256 8.48 -27.50 1.68
C LYS A 256 7.00 -27.67 1.46
N LYS A 257 6.58 -28.91 1.62
CA LYS A 257 5.20 -29.32 1.43
C LYS A 257 4.70 -29.85 2.77
N VAL A 258 3.67 -29.26 3.33
CA VAL A 258 3.11 -29.72 4.59
C VAL A 258 1.66 -30.10 4.44
N ASP A 259 1.19 -31.04 5.26
CA ASP A 259 -0.13 -31.61 5.11
C ASP A 259 -1.29 -30.63 5.06
N ALA A 260 -1.61 -30.03 6.20
CA ALA A 260 -2.80 -29.18 6.39
C ALA A 260 -2.91 -28.81 7.83
N GLY A 267 1.80 -21.31 14.05
CA GLY A 267 2.72 -22.39 13.58
C GLY A 267 3.54 -22.03 12.33
N ILE A 268 3.22 -20.90 11.70
CA ILE A 268 3.82 -20.45 10.44
C ILE A 268 5.32 -20.17 10.50
N ASN A 269 5.76 -19.50 11.55
CA ASN A 269 7.11 -18.96 11.62
C ASN A 269 8.16 -20.06 11.63
N GLU A 270 7.83 -21.19 12.26
CA GLU A 270 8.67 -22.39 12.18
C GLU A 270 8.70 -22.95 10.76
N LEU A 271 7.55 -23.00 10.10
CA LEU A 271 7.47 -23.40 8.68
C LEU A 271 8.36 -22.52 7.79
N LEU A 272 8.46 -21.23 8.11
CA LEU A 272 9.21 -20.27 7.30
C LEU A 272 10.66 -20.16 7.75
N ARG A 273 10.89 -20.08 9.06
CA ARG A 273 12.27 -20.02 9.62
C ARG A 273 13.21 -21.14 9.12
N THR A 274 12.70 -22.11 8.35
CA THR A 274 13.54 -23.07 7.64
C THR A 274 13.74 -22.64 6.18
N ILE A 275 14.82 -21.90 5.93
CA ILE A 275 15.24 -21.53 4.57
C ILE A 275 16.60 -22.15 4.28
N ASP A 276 16.70 -22.89 3.16
CA ASP A 276 17.98 -23.47 2.69
C ASP A 276 18.10 -23.33 1.16
N GLN B 1 4.59 37.03 -19.14
CA GLN B 1 4.86 38.45 -18.53
C GLN B 1 3.96 38.69 -17.39
N SER B 2 2.66 38.59 -17.61
CA SER B 2 1.81 38.18 -16.50
C SER B 2 2.41 36.92 -15.79
N MET B 3 2.79 35.90 -16.57
CA MET B 3 3.51 34.77 -16.01
C MET B 3 4.92 35.11 -15.51
N GLN B 4 5.60 36.02 -16.22
CA GLN B 4 6.94 36.48 -15.77
C GLN B 4 6.80 37.18 -14.43
N GLN B 5 5.77 38.01 -14.27
CA GLN B 5 5.62 38.74 -13.03
C GLN B 5 5.23 37.77 -11.90
N LEU B 6 4.46 36.71 -12.20
CA LEU B 6 4.08 35.72 -11.18
C LEU B 6 5.36 35.07 -10.65
N GLN B 7 6.20 34.67 -11.58
CA GLN B 7 7.45 34.01 -11.23
C GLN B 7 8.28 34.95 -10.44
N ASN B 8 8.25 36.22 -10.79
CA ASN B 8 8.96 37.20 -10.01
C ASN B 8 8.62 37.17 -8.55
N VAL B 9 7.32 37.21 -8.26
CA VAL B 9 6.87 37.15 -6.87
C VAL B 9 7.40 35.92 -6.16
N ILE B 10 7.31 34.76 -6.83
CA ILE B 10 7.78 33.53 -6.27
C ILE B 10 9.29 33.62 -6.02
N GLU B 11 10.07 34.10 -7.00
CA GLU B 11 11.56 33.99 -6.81
C GLU B 11 12.02 34.90 -5.69
N THR B 12 11.33 36.02 -5.57
CA THR B 12 11.58 37.01 -4.54
C THR B 12 11.18 36.53 -3.18
N ALA B 13 9.99 35.96 -3.06
CA ALA B 13 9.54 35.40 -1.79
C ALA B 13 10.49 34.27 -1.31
N PHE B 14 10.90 33.40 -2.23
CA PHE B 14 11.69 32.24 -1.88
C PHE B 14 13.06 32.67 -1.33
N GLU B 15 13.64 33.74 -1.87
CA GLU B 15 14.95 34.22 -1.42
C GLU B 15 14.86 34.64 0.05
N ARG B 16 13.67 35.07 0.46
CA ARG B 16 13.43 35.46 1.81
C ARG B 16 12.53 34.44 2.52
N ARG B 17 12.61 33.17 2.11
CA ARG B 17 11.73 32.13 2.62
C ARG B 17 11.93 31.95 4.11
N ALA B 18 13.15 32.20 4.59
CA ALA B 18 13.49 31.93 5.98
C ALA B 18 12.57 32.69 6.91
N ASP B 19 12.16 33.88 6.49
CA ASP B 19 11.28 34.77 7.29
C ASP B 19 9.82 34.79 6.85
N ILE B 20 9.42 33.86 6.00
CA ILE B 20 8.01 33.82 5.62
C ILE B 20 7.24 32.77 6.42
N THR B 21 6.16 33.20 7.06
CA THR B 21 5.34 32.29 7.81
C THR B 21 3.86 32.69 7.55
N PRO B 22 2.89 31.89 8.06
CA PRO B 22 1.49 32.14 7.62
C PRO B 22 0.95 33.47 8.05
N ALA B 23 1.40 33.94 9.22
CA ALA B 23 0.89 35.19 9.77
C ALA B 23 1.66 36.48 9.36
N ASN B 24 2.77 36.36 8.66
CA ASN B 24 3.40 37.58 8.20
C ASN B 24 3.38 37.82 6.71
N VAL B 25 3.10 36.79 5.90
CA VAL B 25 3.16 36.92 4.45
C VAL B 25 2.13 37.91 3.94
N ASP B 26 2.54 38.83 3.07
CA ASP B 26 1.60 39.81 2.48
C ASP B 26 0.64 39.16 1.52
N THR B 27 -0.49 39.82 1.34
CA THR B 27 -1.56 39.27 0.53
C THR B 27 -1.14 38.99 -0.95
N VAL B 28 -0.25 39.80 -1.52
CA VAL B 28 0.21 39.65 -2.91
C VAL B 28 0.99 38.37 -3.12
N THR B 29 1.87 38.12 -2.17
CA THR B 29 2.68 36.92 -2.20
C THR B 29 1.81 35.69 -2.00
N ARG B 30 0.92 35.73 -1.03
CA ARG B 30 -0.04 34.61 -0.83
C ARG B 30 -0.84 34.35 -2.05
N GLU B 31 -1.51 35.38 -2.56
CA GLU B 31 -2.29 35.13 -3.75
C GLU B 31 -1.48 34.61 -4.93
N ALA B 32 -0.26 35.13 -5.11
CA ALA B 32 0.62 34.62 -6.16
C ALA B 32 0.99 33.15 -6.00
N ILE B 33 1.33 32.73 -4.77
CA ILE B 33 1.70 31.36 -4.54
C ILE B 33 0.49 30.48 -4.88
N THR B 34 -0.67 30.98 -4.48
CA THR B 34 -1.92 30.22 -4.54
C THR B 34 -2.33 30.07 -5.98
N HIS B 35 -2.09 31.13 -6.77
CA HIS B 35 -2.33 31.12 -8.23
C HIS B 35 -1.44 30.07 -8.92
N VAL B 36 -0.15 30.06 -8.64
CA VAL B 36 0.69 28.97 -9.16
C VAL B 36 0.14 27.60 -8.87
N ILE B 37 -0.23 27.37 -7.62
CA ILE B 37 -0.71 26.05 -7.25
C ILE B 37 -1.99 25.74 -8.01
N ASP B 38 -2.82 26.75 -8.20
CA ASP B 38 -4.02 26.61 -9.02
C ASP B 38 -3.73 26.24 -10.47
N LEU B 39 -2.62 26.77 -11.03
CA LEU B 39 -2.26 26.51 -12.39
C LEU B 39 -1.67 25.14 -12.48
N LEU B 40 -0.96 24.71 -11.44
CA LEU B 40 -0.46 23.34 -11.39
C LEU B 40 -1.68 22.37 -11.31
N ASP B 41 -2.68 22.76 -10.55
CA ASP B 41 -3.86 21.91 -10.28
C ASP B 41 -4.66 21.66 -11.54
N THR B 42 -4.69 22.66 -12.41
CA THR B 42 -5.32 22.52 -13.69
C THR B 42 -4.40 22.12 -14.83
N GLY B 43 -3.11 21.88 -14.54
CA GLY B 43 -2.20 21.37 -15.58
C GLY B 43 -1.81 22.47 -16.56
N ALA B 44 -2.17 23.71 -16.26
CA ALA B 44 -1.78 24.81 -17.12
C ALA B 44 -0.28 25.01 -17.01
N LEU B 45 0.24 24.76 -15.83
CA LEU B 45 1.69 24.69 -15.60
C LEU B 45 1.98 23.29 -15.12
N ARG B 46 3.24 22.90 -15.23
CA ARG B 46 3.67 21.63 -14.76
C ARG B 46 5.13 21.73 -14.36
N VAL B 47 5.50 20.98 -13.35
CA VAL B 47 6.82 21.16 -12.71
C VAL B 47 8.01 20.79 -13.56
N ALA B 48 7.88 19.68 -14.29
CA ALA B 48 8.76 19.35 -15.43
C ALA B 48 7.95 19.11 -16.72
N GLU B 49 8.58 19.41 -17.87
CA GLU B 49 7.99 19.16 -19.14
C GLU B 49 9.07 18.79 -20.15
N LYS B 50 8.62 18.17 -21.23
CA LYS B 50 9.55 17.63 -22.14
C LYS B 50 9.68 18.66 -23.23
N ILE B 51 10.84 19.27 -23.34
CA ILE B 51 11.05 20.41 -24.27
C ILE B 51 12.17 20.00 -25.23
N ASP B 52 11.87 20.00 -26.53
CA ASP B 52 12.86 19.70 -27.57
C ASP B 52 13.49 18.35 -27.27
N GLY B 53 12.71 17.42 -26.77
CA GLY B 53 13.14 16.08 -26.52
C GLY B 53 13.83 15.79 -25.20
N GLN B 54 14.01 16.79 -24.36
CA GLN B 54 14.66 16.58 -23.08
C GLN B 54 13.69 17.06 -22.00
N TRP B 55 13.72 16.40 -20.85
CA TRP B 55 12.95 16.78 -19.70
C TRP B 55 13.57 18.01 -19.03
N VAL B 56 12.78 19.04 -18.97
CA VAL B 56 13.17 20.26 -18.27
C VAL B 56 12.42 20.46 -17.00
N THR B 57 13.15 20.76 -15.92
CA THR B 57 12.53 20.97 -14.62
C THR B 57 12.49 22.45 -14.37
N HIS B 58 11.30 22.98 -14.09
CA HIS B 58 11.17 24.36 -13.73
C HIS B 58 11.26 24.59 -12.23
N GLN B 59 12.45 24.99 -11.83
CA GLN B 59 12.77 25.29 -10.45
C GLN B 59 11.79 26.20 -9.81
N TRP B 60 11.24 27.18 -10.53
CA TRP B 60 10.48 28.18 -9.81
C TRP B 60 9.12 27.62 -9.42
N LEU B 61 8.70 26.56 -10.10
CA LEU B 61 7.44 25.89 -9.70
C LEU B 61 7.68 25.10 -8.40
N LYS B 62 8.82 24.44 -8.27
CA LYS B 62 9.17 23.79 -7.02
C LYS B 62 9.27 24.79 -5.91
N LYS B 63 9.83 25.96 -6.17
CA LYS B 63 9.82 27.04 -5.18
C LYS B 63 8.41 27.37 -4.75
N ALA B 64 7.52 27.47 -5.75
CA ALA B 64 6.11 27.82 -5.45
C ALA B 64 5.44 26.78 -4.51
N VAL B 65 5.73 25.50 -4.76
CA VAL B 65 5.16 24.43 -3.99
C VAL B 65 5.72 24.48 -2.54
N LEU B 66 7.04 24.55 -2.42
CA LEU B 66 7.63 24.74 -1.16
C LEU B 66 7.03 25.93 -0.38
N LEU B 67 6.87 27.06 -1.03
CA LEU B 67 6.32 28.30 -0.42
C LEU B 67 4.89 28.06 0.03
N SER B 68 4.17 27.20 -0.66
CA SER B 68 2.74 26.96 -0.33
C SER B 68 2.66 26.28 1.04
N PHE B 69 3.69 25.49 1.42
CA PHE B 69 3.77 24.91 2.78
C PHE B 69 4.00 25.99 3.81
N ARG B 70 4.94 26.83 3.50
CA ARG B 70 5.48 27.75 4.39
C ARG B 70 4.43 28.78 4.72
N ILE B 71 3.57 29.14 3.78
CA ILE B 71 2.59 30.20 4.03
C ILE B 71 1.21 29.76 4.56
N ASN B 72 0.99 28.47 4.70
CA ASN B 72 -0.29 27.98 5.18
C ASN B 72 -0.12 27.24 6.48
N ASP B 73 -1.05 27.47 7.37
CA ASP B 73 -1.11 26.79 8.67
C ASP B 73 -1.75 25.45 8.47
N ASN B 74 -1.35 24.46 9.27
CA ASN B 74 -2.21 23.29 9.40
C ASN B 74 -3.60 23.68 9.89
N GLN B 75 -4.61 23.01 9.35
CA GLN B 75 -6.01 23.18 9.72
C GLN B 75 -6.64 21.83 10.03
N VAL B 76 -7.62 21.82 10.92
CA VAL B 76 -8.37 20.58 11.13
C VAL B 76 -9.22 20.28 9.90
N MET B 77 -9.23 19.04 9.47
CA MET B 77 -10.10 18.63 8.41
C MET B 77 -11.06 17.56 8.95
N GLU B 78 -12.37 17.82 8.92
CA GLU B 78 -13.36 16.78 9.27
C GLU B 78 -13.41 15.62 8.33
N GLY B 79 -13.35 14.45 8.93
CA GLY B 79 -13.19 13.22 8.19
C GLY B 79 -14.31 12.25 8.50
N ALA B 80 -15.37 12.72 9.11
CA ALA B 80 -16.49 11.81 9.48
C ALA B 80 -16.11 10.97 10.70
N GLU B 81 -15.51 9.80 10.48
CA GLU B 81 -15.17 8.91 11.61
C GLU B 81 -13.83 9.27 12.26
N THR B 82 -13.09 10.16 11.60
CA THR B 82 -11.79 10.63 12.09
C THR B 82 -11.64 12.09 11.72
N ARG B 83 -10.57 12.71 12.23
CA ARG B 83 -10.23 14.09 11.85
C ARG B 83 -8.81 14.13 11.41
N TYR B 84 -8.49 15.07 10.51
CA TYR B 84 -7.14 15.29 10.05
C TYR B 84 -6.61 16.65 10.39
N TYR B 85 -5.32 16.86 10.12
CA TYR B 85 -4.65 18.07 10.46
C TYR B 85 -3.48 18.37 9.58
N ASP B 86 -3.74 19.15 8.55
CA ASP B 86 -2.72 19.43 7.57
C ASP B 86 -2.95 20.72 6.87
N LYS B 87 -1.92 21.12 6.14
CA LYS B 87 -1.88 22.46 5.56
C LYS B 87 -2.03 22.52 4.04
N VAL B 88 -2.11 21.36 3.37
CA VAL B 88 -2.32 21.25 1.92
C VAL B 88 -3.77 20.87 1.67
N PRO B 89 -4.56 21.72 0.98
CA PRO B 89 -5.95 21.35 0.81
C PRO B 89 -6.17 20.24 -0.20
N MET B 90 -7.38 19.71 -0.20
CA MET B 90 -7.73 18.54 -1.01
C MET B 90 -8.23 19.09 -2.34
N LYS B 91 -7.74 18.53 -3.42
CA LYS B 91 -8.09 18.91 -4.78
C LYS B 91 -9.58 18.96 -5.02
N PHE B 92 -10.26 17.94 -4.57
CA PHE B 92 -11.67 17.81 -4.92
C PHE B 92 -12.57 18.43 -3.93
N ALA B 93 -12.03 18.91 -2.82
CA ALA B 93 -12.87 19.41 -1.73
C ALA B 93 -13.97 20.26 -2.27
N GLY B 94 -13.65 21.01 -3.30
CA GLY B 94 -14.58 21.98 -3.83
C GLY B 94 -15.28 21.63 -5.15
N TYR B 95 -14.64 20.75 -5.95
CA TYR B 95 -15.21 20.21 -7.21
C TYR B 95 -16.71 19.98 -7.00
N ASP B 96 -17.54 20.37 -7.96
CA ASP B 96 -18.93 19.95 -7.95
C ASP B 96 -19.15 18.91 -9.03
N GLU B 97 -20.36 18.39 -9.12
CA GLU B 97 -20.65 17.38 -10.11
C GLU B 97 -20.37 17.92 -11.53
N ALA B 98 -20.74 19.17 -11.81
CA ALA B 98 -20.50 19.75 -13.17
C ALA B 98 -19.04 19.76 -13.58
N ARG B 99 -18.16 20.10 -12.62
CA ARG B 99 -16.73 20.13 -12.94
C ARG B 99 -16.22 18.74 -13.18
N PHE B 100 -16.61 17.80 -12.32
CA PHE B 100 -16.24 16.40 -12.60
C PHE B 100 -16.72 15.91 -13.96
N GLN B 101 -17.94 16.28 -14.33
CA GLN B 101 -18.50 15.82 -15.59
C GLN B 101 -17.66 16.36 -16.75
N ARG B 102 -17.32 17.63 -16.67
CA ARG B 102 -16.56 18.30 -17.72
C ARG B 102 -15.14 17.79 -17.85
N GLU B 103 -14.49 17.42 -16.74
CA GLU B 103 -13.07 17.00 -16.81
C GLU B 103 -12.84 15.52 -17.16
N GLY B 104 -13.85 14.70 -16.95
CA GLY B 104 -13.93 13.38 -17.54
C GLY B 104 -12.99 12.31 -17.02
N PHE B 105 -12.64 12.37 -15.73
CA PHE B 105 -11.90 11.27 -15.11
C PHE B 105 -12.76 10.69 -13.96
N ARG B 106 -12.25 9.72 -13.27
CA ARG B 106 -12.96 9.04 -12.18
C ARG B 106 -12.05 8.94 -10.99
N VAL B 107 -12.65 9.22 -9.82
CA VAL B 107 -12.03 9.16 -8.54
C VAL B 107 -12.82 8.17 -7.62
N VAL B 108 -12.21 7.06 -7.32
CA VAL B 108 -12.91 5.96 -6.68
C VAL B 108 -12.63 6.02 -5.21
N PRO B 109 -13.64 6.11 -4.35
CA PRO B 109 -13.39 6.10 -2.91
C PRO B 109 -12.54 4.91 -2.43
N PRO B 110 -11.53 5.13 -1.54
CA PRO B 110 -11.18 6.45 -0.92
C PRO B 110 -9.98 7.18 -1.50
N ALA B 111 -9.80 7.13 -2.81
CA ALA B 111 -8.78 7.87 -3.52
C ALA B 111 -8.82 9.34 -3.21
N THR B 112 -7.64 9.93 -3.03
CA THR B 112 -7.56 11.35 -2.84
C THR B 112 -6.33 11.94 -3.51
N VAL B 113 -6.35 13.26 -3.66
CA VAL B 113 -5.36 14.03 -4.40
C VAL B 113 -5.29 15.37 -3.72
N ARG B 114 -4.06 15.87 -3.54
CA ARG B 114 -3.82 17.22 -2.96
C ARG B 114 -4.04 18.28 -4.00
N LYS B 115 -4.64 19.40 -3.63
CA LYS B 115 -4.69 20.49 -4.55
C LYS B 115 -3.30 20.80 -5.05
N GLY B 116 -3.14 20.93 -6.38
CA GLY B 116 -1.85 21.32 -6.93
C GLY B 116 -1.31 20.19 -7.75
N ALA B 117 -2.12 19.17 -7.95
CA ALA B 117 -1.81 18.11 -8.85
C ALA B 117 -2.81 18.07 -9.98
N PHE B 118 -2.28 17.82 -11.21
CA PHE B 118 -3.09 17.75 -12.38
C PHE B 118 -3.50 16.31 -12.66
N ILE B 119 -4.80 16.11 -12.80
CA ILE B 119 -5.42 14.83 -13.25
C ILE B 119 -6.22 15.04 -14.53
N ALA B 120 -5.87 14.28 -15.58
CA ALA B 120 -6.36 14.53 -16.92
C ALA B 120 -7.54 13.63 -17.22
N ARG B 121 -8.18 13.93 -18.33
CA ARG B 121 -9.40 13.25 -18.75
C ARG B 121 -9.07 11.76 -19.01
N ASN B 122 -10.07 10.92 -18.71
CA ASN B 122 -10.03 9.44 -18.96
C ASN B 122 -9.08 8.73 -17.99
N THR B 123 -8.60 9.46 -16.99
CA THR B 123 -7.85 8.81 -15.91
C THR B 123 -8.79 8.01 -14.97
N VAL B 124 -8.31 6.96 -14.34
CA VAL B 124 -9.08 6.36 -13.24
C VAL B 124 -8.21 6.28 -12.00
N LEU B 125 -8.57 7.06 -11.00
CA LEU B 125 -7.97 6.96 -9.70
C LEU B 125 -8.73 5.88 -8.86
N MET B 126 -8.24 4.62 -8.87
CA MET B 126 -8.60 3.62 -7.85
C MET B 126 -8.03 4.14 -6.50
N PRO B 127 -8.42 3.57 -5.35
CA PRO B 127 -7.96 4.11 -4.11
C PRO B 127 -6.47 4.18 -4.17
N SER B 128 -5.98 5.37 -3.99
CA SER B 128 -4.60 5.74 -4.30
C SER B 128 -4.42 7.19 -3.85
N TYR B 129 -3.20 7.67 -3.97
CA TYR B 129 -2.82 8.99 -3.54
C TYR B 129 -2.00 9.70 -4.62
N VAL B 130 -2.34 10.97 -4.84
CA VAL B 130 -1.58 11.81 -5.75
C VAL B 130 -1.22 13.08 -5.02
N ASN B 131 0.11 13.29 -4.86
CA ASN B 131 0.67 14.38 -4.06
C ASN B 131 0.87 15.60 -4.93
N ILE B 132 1.09 16.73 -4.26
CA ILE B 132 1.09 18.01 -4.89
C ILE B 132 2.20 18.13 -5.88
N GLY B 133 1.95 18.86 -6.97
CA GLY B 133 2.96 19.15 -7.97
C GLY B 133 2.97 18.05 -9.03
N ALA B 134 2.25 16.97 -8.78
CA ALA B 134 2.13 15.88 -9.77
C ALA B 134 1.25 16.18 -10.97
N PHE B 135 1.51 15.43 -12.07
CA PHE B 135 0.85 15.56 -13.33
C PHE B 135 0.61 14.15 -13.88
N VAL B 136 -0.67 13.83 -13.98
CA VAL B 136 -1.19 12.55 -14.40
C VAL B 136 -1.96 12.73 -15.69
N ASP B 137 -1.34 12.30 -16.80
CA ASP B 137 -1.85 12.66 -18.15
C ASP B 137 -2.97 11.68 -18.51
N GLU B 138 -3.63 11.92 -19.66
CA GLU B 138 -4.88 11.30 -20.05
C GLU B 138 -4.79 9.82 -20.19
N GLY B 139 -5.85 9.11 -19.79
CA GLY B 139 -5.96 7.65 -20.07
C GLY B 139 -5.20 6.79 -19.09
N THR B 140 -4.69 7.42 -18.03
CA THR B 140 -3.79 6.74 -17.13
C THR B 140 -4.62 6.03 -16.04
N MET B 141 -4.25 4.80 -15.71
CA MET B 141 -4.91 4.07 -14.56
C MET B 141 -3.96 3.99 -13.41
N VAL B 142 -4.43 4.54 -12.30
CA VAL B 142 -3.71 4.47 -11.01
C VAL B 142 -4.45 3.48 -10.08
N ASP B 143 -3.81 2.34 -9.84
CA ASP B 143 -4.51 1.23 -9.24
C ASP B 143 -4.46 1.30 -7.70
N THR B 144 -5.06 0.30 -7.05
CA THR B 144 -5.30 0.39 -5.61
C THR B 144 -4.03 0.40 -4.81
N TRP B 145 -3.97 1.39 -3.93
CA TRP B 145 -2.81 1.74 -3.08
C TRP B 145 -1.56 2.11 -3.79
N ALA B 146 -1.73 2.62 -5.00
CA ALA B 146 -0.67 3.25 -5.71
C ALA B 146 -0.49 4.69 -5.23
N THR B 147 0.71 5.22 -5.50
CA THR B 147 1.05 6.57 -5.10
C THR B 147 1.85 7.25 -6.24
N VAL B 148 1.40 8.43 -6.56
CA VAL B 148 2.09 9.36 -7.47
C VAL B 148 2.65 10.48 -6.58
N GLY B 149 3.96 10.43 -6.31
CA GLY B 149 4.59 11.37 -5.33
C GLY B 149 4.74 12.79 -5.86
N SER B 150 5.18 13.71 -5.03
CA SER B 150 5.19 15.10 -5.40
C SER B 150 6.01 15.30 -6.65
N CYS B 151 5.42 16.04 -7.57
CA CYS B 151 6.10 16.60 -8.76
C CYS B 151 6.29 15.53 -9.87
N ALA B 152 5.90 14.30 -9.59
CA ALA B 152 6.09 13.25 -10.61
C ALA B 152 5.23 13.63 -11.88
N GLN B 153 5.75 13.23 -13.04
CA GLN B 153 5.15 13.43 -14.31
C GLN B 153 4.85 12.06 -14.87
N ILE B 154 3.57 11.76 -14.96
CA ILE B 154 3.04 10.52 -15.40
C ILE B 154 2.43 10.85 -16.74
N GLY B 155 2.92 10.20 -17.77
CA GLY B 155 2.37 10.43 -19.11
C GLY B 155 0.99 9.84 -19.41
N LYS B 156 0.62 9.87 -20.70
CA LYS B 156 -0.66 9.37 -21.15
C LYS B 156 -0.66 7.85 -21.24
N ASN B 157 -1.81 7.27 -20.92
CA ASN B 157 -2.05 5.82 -21.05
C ASN B 157 -1.02 5.01 -20.24
N VAL B 158 -0.69 5.50 -19.06
CA VAL B 158 0.25 4.83 -18.18
C VAL B 158 -0.58 3.98 -17.22
N HIS B 159 -0.02 2.86 -16.84
CA HIS B 159 -0.65 1.92 -15.89
C HIS B 159 0.30 1.76 -14.72
N LEU B 160 -0.10 2.39 -13.62
CA LEU B 160 0.48 2.17 -12.31
C LEU B 160 -0.37 1.13 -11.56
N SER B 161 0.12 -0.11 -11.57
CA SER B 161 -0.59 -1.23 -11.00
C SER B 161 -0.63 -1.13 -9.48
N GLY B 162 -1.30 -2.10 -8.84
CA GLY B 162 -1.56 -1.95 -7.39
C GLY B 162 -0.33 -1.77 -6.56
N GLY B 163 -0.38 -0.81 -5.63
CA GLY B 163 0.67 -0.62 -4.68
C GLY B 163 1.99 -0.17 -5.32
N VAL B 164 1.90 0.33 -6.54
CA VAL B 164 3.10 0.86 -7.23
C VAL B 164 3.33 2.26 -6.63
N GLY B 165 4.56 2.63 -6.39
CA GLY B 165 4.87 4.00 -5.87
C GLY B 165 5.76 4.75 -6.88
N ILE B 166 5.43 6.00 -7.16
CA ILE B 166 6.31 6.85 -8.00
C ILE B 166 6.80 7.94 -7.09
N GLY B 167 8.12 7.94 -6.80
CA GLY B 167 8.65 8.74 -5.71
C GLY B 167 8.54 10.23 -5.93
N GLY B 168 8.19 10.99 -4.90
CA GLY B 168 8.24 12.42 -4.94
C GLY B 168 9.68 12.98 -5.01
N VAL B 169 9.82 14.09 -5.70
CA VAL B 169 11.06 14.90 -5.61
C VAL B 169 10.62 16.34 -5.50
N LEU B 170 10.77 16.91 -4.34
CA LEU B 170 10.51 18.34 -4.20
C LEU B 170 11.86 19.02 -4.04
N GLU B 171 12.59 18.65 -3.00
CA GLU B 171 13.96 19.11 -2.87
C GLU B 171 14.94 18.00 -3.23
N PRO B 172 16.10 18.34 -3.77
CA PRO B 172 16.57 19.68 -4.08
C PRO B 172 15.85 20.25 -5.28
N LEU B 173 15.71 21.59 -5.29
CA LEU B 173 15.03 22.37 -6.34
C LEU B 173 15.53 22.04 -7.73
N GLN B 174 16.83 21.76 -7.82
CA GLN B 174 17.50 21.51 -9.09
C GLN B 174 17.21 20.12 -9.60
N ALA B 175 16.73 19.24 -8.73
CA ALA B 175 16.57 17.78 -9.12
C ALA B 175 15.27 17.52 -9.83
N ASN B 176 15.33 16.75 -10.93
CA ASN B 176 14.17 16.48 -11.70
C ASN B 176 13.24 15.55 -10.93
N PRO B 177 11.96 15.67 -11.20
CA PRO B 177 11.08 14.70 -10.58
C PRO B 177 11.18 13.31 -11.28
N THR B 178 10.55 12.33 -10.67
CA THR B 178 10.44 11.03 -11.28
C THR B 178 9.52 11.18 -12.46
N ILE B 179 9.86 10.51 -13.56
CA ILE B 179 9.12 10.70 -14.80
C ILE B 179 8.82 9.37 -15.43
N ILE B 180 7.55 9.11 -15.71
CA ILE B 180 7.12 7.84 -16.35
C ILE B 180 6.50 8.35 -17.63
N GLU B 181 7.14 8.06 -18.75
CA GLU B 181 6.66 8.56 -20.04
C GLU B 181 5.40 7.81 -20.54
N ASP B 182 4.79 8.35 -21.59
CA ASP B 182 3.57 7.82 -22.17
C ASP B 182 3.68 6.30 -22.40
N ASN B 183 2.58 5.60 -22.18
CA ASN B 183 2.39 4.17 -22.51
C ASN B 183 3.12 3.18 -21.63
N CYS B 184 3.64 3.63 -20.48
CA CYS B 184 4.45 2.79 -19.64
C CYS B 184 3.49 2.03 -18.77
N PHE B 185 3.90 0.81 -18.44
CA PHE B 185 3.20 -0.03 -17.54
C PHE B 185 4.12 -0.26 -16.42
N VAL B 186 3.59 -0.21 -15.22
CA VAL B 186 4.43 -0.43 -14.09
C VAL B 186 3.65 -1.40 -13.25
N GLY B 187 4.25 -2.55 -13.02
CA GLY B 187 3.55 -3.67 -12.39
C GLY B 187 3.53 -3.62 -10.89
N ALA B 188 2.66 -4.47 -10.38
CA ALA B 188 2.33 -4.46 -8.97
C ALA B 188 3.53 -4.43 -8.03
N ARG B 189 3.45 -3.54 -7.04
CA ARG B 189 4.41 -3.43 -5.92
C ARG B 189 5.74 -2.78 -6.30
N SER B 190 5.88 -2.33 -7.55
CA SER B 190 7.06 -1.67 -8.01
C SER B 190 7.12 -0.24 -7.54
N GLU B 191 8.36 0.25 -7.44
CA GLU B 191 8.64 1.59 -7.03
C GLU B 191 9.68 2.15 -7.99
N VAL B 192 9.41 3.35 -8.44
CA VAL B 192 10.35 4.10 -9.25
C VAL B 192 10.56 5.43 -8.53
N VAL B 193 11.79 5.70 -8.11
CA VAL B 193 12.04 6.87 -7.22
C VAL B 193 13.13 7.78 -7.72
N GLU B 194 13.22 8.96 -7.08
CA GLU B 194 14.46 9.74 -7.10
C GLU B 194 14.78 10.29 -8.47
N GLY B 195 13.75 10.71 -9.22
CA GLY B 195 13.97 11.22 -10.53
C GLY B 195 14.47 10.28 -11.62
N VAL B 196 14.34 8.98 -11.39
CA VAL B 196 14.44 8.05 -12.48
C VAL B 196 13.44 8.44 -13.59
N ILE B 197 13.89 8.28 -14.83
CA ILE B 197 13.03 8.53 -15.98
C ILE B 197 12.85 7.17 -16.66
N VAL B 198 11.59 6.77 -16.77
CA VAL B 198 11.22 5.55 -17.45
C VAL B 198 10.73 5.99 -18.79
N GLU B 199 11.53 5.75 -19.81
CA GLU B 199 11.09 6.21 -21.17
C GLU B 199 9.87 5.49 -21.67
N GLU B 200 9.28 6.06 -22.72
CA GLU B 200 7.98 5.74 -23.24
C GLU B 200 7.84 4.26 -23.61
N GLY B 201 6.65 3.72 -23.31
CA GLY B 201 6.31 2.30 -23.61
C GLY B 201 7.18 1.23 -23.01
N SER B 202 7.84 1.53 -21.92
CA SER B 202 8.49 0.52 -21.10
C SER B 202 7.44 -0.33 -20.36
N VAL B 203 7.85 -1.50 -19.92
CA VAL B 203 6.97 -2.49 -19.31
C VAL B 203 7.74 -3.03 -18.15
N ILE B 204 7.42 -2.53 -16.98
CA ILE B 204 8.07 -2.90 -15.75
C ILE B 204 7.11 -3.90 -15.03
N SER B 205 7.60 -5.08 -14.69
CA SER B 205 6.75 -6.09 -14.07
C SER B 205 6.67 -5.86 -12.57
N MET B 206 6.30 -6.90 -11.80
CA MET B 206 6.06 -6.80 -10.37
C MET B 206 7.26 -6.67 -9.56
N GLY B 207 7.19 -5.82 -8.52
CA GLY B 207 8.25 -5.79 -7.51
C GLY B 207 9.60 -5.34 -8.05
N VAL B 208 9.59 -4.45 -9.01
CA VAL B 208 10.86 -3.93 -9.56
C VAL B 208 11.04 -2.59 -8.82
N PHE B 209 12.17 -2.45 -8.14
CA PHE B 209 12.41 -1.25 -7.27
C PHE B 209 13.61 -0.56 -7.83
N ILE B 210 13.38 0.65 -8.32
CA ILE B 210 14.41 1.41 -9.07
C ILE B 210 14.54 2.82 -8.56
N GLY B 211 15.69 3.08 -7.91
CA GLY B 211 16.16 4.45 -7.62
C GLY B 211 17.41 4.70 -8.45
N GLN B 212 18.10 5.78 -8.14
CA GLN B 212 19.23 6.23 -8.96
C GLN B 212 20.39 5.26 -8.86
N SER B 213 20.47 4.55 -7.75
CA SER B 213 21.57 3.60 -7.53
C SER B 213 21.28 2.21 -8.09
N THR B 214 20.04 1.97 -8.50
CA THR B 214 19.70 0.62 -8.89
C THR B 214 20.35 0.25 -10.18
N ARG B 215 21.00 -0.91 -10.23
CA ARG B 215 21.51 -1.42 -11.44
C ARG B 215 20.39 -1.97 -12.31
N ILE B 216 20.34 -1.49 -13.55
CA ILE B 216 19.40 -1.95 -14.56
C ILE B 216 20.21 -2.69 -15.55
N TYR B 217 20.22 -4.02 -15.45
CA TYR B 217 21.11 -4.83 -16.22
C TYR B 217 20.49 -5.16 -17.53
N ASP B 218 21.17 -4.82 -18.64
CA ASP B 218 20.70 -5.18 -19.97
C ASP B 218 21.36 -6.49 -20.30
N ARG B 219 20.59 -7.56 -20.30
CA ARG B 219 21.17 -8.89 -20.37
C ARG B 219 21.65 -9.20 -21.80
N GLU B 220 21.09 -8.48 -22.77
CA GLU B 220 21.43 -8.60 -24.20
C GLU B 220 22.83 -8.06 -24.43
N THR B 221 23.12 -6.92 -23.85
CA THR B 221 24.42 -6.25 -24.06
C THR B 221 25.43 -6.46 -22.94
N GLY B 222 24.96 -6.89 -21.78
CA GLY B 222 25.79 -6.91 -20.60
C GLY B 222 25.98 -5.55 -19.95
N GLU B 223 25.30 -4.50 -20.41
CA GLU B 223 25.48 -3.15 -19.87
C GLU B 223 24.63 -2.87 -18.64
N VAL B 224 25.17 -2.12 -17.67
CA VAL B 224 24.38 -1.67 -16.50
C VAL B 224 23.97 -0.22 -16.68
N HIS B 225 22.67 0.04 -16.80
CA HIS B 225 22.15 1.40 -16.92
C HIS B 225 21.89 1.95 -15.49
N TYR B 226 21.97 3.25 -15.28
CA TYR B 226 21.52 3.83 -13.98
C TYR B 226 20.69 4.99 -14.29
N GLY B 227 19.52 5.03 -13.70
CA GLY B 227 18.78 6.25 -13.66
C GLY B 227 17.80 6.43 -14.78
N ARG B 228 17.80 5.51 -15.76
CA ARG B 228 16.98 5.71 -16.96
C ARG B 228 16.60 4.39 -17.57
N VAL B 229 15.32 4.20 -17.81
CA VAL B 229 14.88 2.99 -18.44
C VAL B 229 14.66 3.31 -19.92
N PRO B 230 15.50 2.75 -20.78
CA PRO B 230 15.42 2.96 -22.22
C PRO B 230 14.01 2.65 -22.75
N ALA B 231 13.48 3.50 -23.64
CA ALA B 231 12.15 3.35 -24.21
C ALA B 231 11.96 1.90 -24.74
N GLY B 232 10.79 1.32 -24.44
CA GLY B 232 10.43 -0.04 -24.83
C GLY B 232 11.10 -1.15 -24.07
N SER B 233 11.71 -0.86 -22.90
CA SER B 233 12.45 -1.83 -22.11
C SER B 233 11.44 -2.69 -21.43
N VAL B 234 11.60 -4.01 -21.51
CA VAL B 234 10.79 -4.86 -20.61
C VAL B 234 11.65 -5.27 -19.44
N VAL B 235 11.23 -4.87 -18.25
CA VAL B 235 12.10 -4.91 -17.10
C VAL B 235 11.48 -5.78 -15.98
N VAL B 236 12.30 -6.64 -15.41
CA VAL B 236 11.84 -7.54 -14.37
C VAL B 236 12.84 -7.59 -13.20
N SER B 237 12.41 -8.16 -12.07
CA SER B 237 13.27 -8.26 -10.91
C SER B 237 14.25 -9.37 -11.07
N GLY B 238 15.45 -9.08 -10.60
CA GLY B 238 16.58 -10.03 -10.70
C GLY B 238 17.63 -9.74 -9.68
N ASN B 239 18.76 -10.43 -9.79
CA ASN B 239 19.90 -10.19 -8.94
C ASN B 239 21.16 -10.28 -9.87
N LEU B 240 22.27 -9.71 -9.42
CA LEU B 240 23.58 -9.94 -10.00
C LEU B 240 24.44 -10.62 -8.98
N PRO B 241 25.23 -11.59 -9.40
CA PRO B 241 26.00 -12.28 -8.41
C PRO B 241 27.30 -11.56 -8.01
N SER B 242 27.71 -11.79 -6.76
CA SER B 242 29.00 -11.32 -6.27
C SER B 242 30.07 -12.06 -7.02
N LYS B 243 31.31 -11.56 -6.98
CA LYS B 243 32.41 -12.22 -7.67
C LYS B 243 32.49 -13.69 -7.24
N ASP B 244 32.32 -13.90 -5.94
CA ASP B 244 32.21 -15.24 -5.29
C ASP B 244 31.30 -16.26 -6.01
N GLY B 245 30.13 -15.77 -6.37
CA GLY B 245 29.00 -16.65 -6.57
C GLY B 245 28.34 -17.01 -5.26
N SER B 246 28.92 -16.61 -4.12
CA SER B 246 28.46 -17.05 -2.81
C SER B 246 27.27 -16.25 -2.32
N TYR B 247 27.03 -15.11 -2.94
CA TYR B 247 25.74 -14.37 -2.75
C TYR B 247 25.42 -13.56 -4.01
N SER B 248 24.27 -12.86 -3.99
CA SER B 248 23.83 -12.06 -5.10
C SER B 248 22.98 -10.91 -4.54
N LEU B 249 22.92 -9.80 -5.25
CA LEU B 249 22.14 -8.63 -4.77
C LEU B 249 21.16 -8.20 -5.77
N TYR B 250 20.16 -7.47 -5.30
CA TYR B 250 19.01 -7.13 -6.12
C TYR B 250 19.45 -6.29 -7.31
N CYS B 251 18.74 -6.41 -8.43
CA CYS B 251 18.83 -5.42 -9.52
C CYS B 251 17.54 -5.53 -10.35
N ALA B 252 17.37 -4.63 -11.30
CA ALA B 252 16.37 -4.79 -12.35
C ALA B 252 17.07 -5.33 -13.60
N VAL B 253 16.37 -6.16 -14.37
CA VAL B 253 16.91 -6.79 -15.58
C VAL B 253 16.06 -6.42 -16.78
N ILE B 254 16.70 -5.89 -17.82
CA ILE B 254 15.99 -5.62 -19.08
C ILE B 254 16.02 -6.94 -19.85
N VAL B 255 14.85 -7.54 -20.05
CA VAL B 255 14.79 -8.94 -20.59
C VAL B 255 14.20 -9.06 -22.02
N LYS B 256 13.71 -7.95 -22.52
CA LYS B 256 13.13 -7.84 -23.86
C LYS B 256 13.05 -6.32 -24.13
N LYS B 257 13.11 -5.89 -25.39
CA LYS B 257 12.83 -4.47 -25.79
C LYS B 257 11.71 -4.57 -26.78
N VAL B 258 10.67 -3.74 -26.67
CA VAL B 258 9.58 -3.87 -27.63
C VAL B 258 9.34 -2.50 -28.20
N ASP B 259 8.52 -2.39 -29.25
CA ASP B 259 8.24 -1.06 -29.78
C ASP B 259 7.34 -0.36 -28.77
N ALA B 260 7.53 0.95 -28.64
CA ALA B 260 6.86 1.74 -27.63
C ALA B 260 5.51 2.18 -28.13
N LYS B 261 4.44 1.70 -27.50
CA LYS B 261 3.06 1.87 -27.95
C LYS B 261 2.06 1.63 -26.84
N THR B 262 0.86 2.18 -27.01
CA THR B 262 -0.22 1.98 -26.06
C THR B 262 -0.59 0.50 -26.08
N ARG B 263 -0.72 -0.07 -24.89
CA ARG B 263 -0.97 -1.51 -24.73
C ARG B 263 -2.05 -1.69 -23.68
N SER B 264 -2.93 -2.67 -23.85
CA SER B 264 -3.86 -3.05 -22.79
C SER B 264 -3.14 -3.86 -21.71
N LYS B 265 -3.81 -3.99 -20.57
CA LYS B 265 -3.33 -4.88 -19.50
C LYS B 265 -3.29 -6.32 -19.99
N VAL B 266 -4.33 -6.73 -20.71
CA VAL B 266 -4.28 -8.12 -21.27
C VAL B 266 -3.07 -8.28 -22.16
N GLY B 267 -2.86 -7.35 -23.10
CA GLY B 267 -1.67 -7.26 -23.92
C GLY B 267 -0.35 -7.26 -23.21
N ILE B 268 -0.27 -6.51 -22.13
CA ILE B 268 0.93 -6.52 -21.28
C ILE B 268 1.24 -7.87 -20.66
N ASN B 269 0.20 -8.46 -20.05
CA ASN B 269 0.30 -9.78 -19.50
C ASN B 269 0.76 -10.78 -20.58
N GLU B 270 0.20 -10.68 -21.76
CA GLU B 270 0.64 -11.58 -22.89
C GLU B 270 2.09 -11.34 -23.31
N LEU B 271 2.54 -10.07 -23.30
CA LEU B 271 3.94 -9.77 -23.65
C LEU B 271 4.85 -10.34 -22.54
N LEU B 272 4.45 -10.23 -21.28
CA LEU B 272 5.30 -10.73 -20.19
C LEU B 272 5.41 -12.26 -20.27
N ARG B 273 4.42 -12.91 -20.86
CA ARG B 273 4.49 -14.36 -21.10
C ARG B 273 5.43 -14.73 -22.23
N THR B 274 5.98 -13.74 -22.93
CA THR B 274 6.77 -13.95 -24.15
C THR B 274 8.29 -13.84 -23.94
N ILE B 275 8.69 -13.73 -22.69
CA ILE B 275 10.09 -13.59 -22.34
C ILE B 275 10.73 -14.97 -22.10
N ASP B 276 11.97 -15.17 -22.55
CA ASP B 276 12.84 -16.25 -22.04
C ASP B 276 13.09 -16.15 -20.53
N GLN C 1 1.36 4.13 44.06
CA GLN C 1 0.18 3.24 44.31
C GLN C 1 -0.85 3.32 43.16
N SER C 2 -0.96 4.46 42.50
CA SER C 2 -1.98 4.61 41.43
C SER C 2 -1.70 3.67 40.26
N MET C 3 -0.43 3.66 39.87
CA MET C 3 -0.01 2.85 38.74
C MET C 3 0.03 1.41 39.17
N GLN C 4 0.30 1.16 40.45
CA GLN C 4 0.29 -0.22 40.94
C GLN C 4 -1.14 -0.70 40.97
N GLN C 5 -2.02 0.11 41.54
CA GLN C 5 -3.46 -0.18 41.47
C GLN C 5 -3.97 -0.46 40.05
N LEU C 6 -3.55 0.33 39.04
CA LEU C 6 -3.93 0.09 37.67
C LEU C 6 -3.45 -1.23 37.16
N GLN C 7 -2.16 -1.51 37.34
CA GLN C 7 -1.61 -2.71 36.75
C GLN C 7 -2.29 -3.94 37.36
N ASN C 8 -2.61 -3.82 38.64
CA ASN C 8 -3.19 -4.92 39.34
C ASN C 8 -4.60 -5.20 38.83
N VAL C 9 -5.38 -4.13 38.70
CA VAL C 9 -6.70 -4.29 38.03
C VAL C 9 -6.58 -4.98 36.67
N ILE C 10 -5.60 -4.58 35.84
CA ILE C 10 -5.52 -5.17 34.49
C ILE C 10 -5.11 -6.63 34.54
N GLU C 11 -4.08 -6.94 35.31
CA GLU C 11 -3.61 -8.29 35.35
C GLU C 11 -4.67 -9.21 35.96
N THR C 12 -5.36 -8.75 36.99
CA THR C 12 -6.43 -9.51 37.67
C THR C 12 -7.60 -9.78 36.69
N ALA C 13 -8.06 -8.71 36.04
CA ALA C 13 -9.00 -8.82 34.90
C ALA C 13 -8.53 -9.81 33.83
N PHE C 14 -7.28 -9.69 33.41
CA PHE C 14 -6.80 -10.52 32.32
C PHE C 14 -6.81 -12.00 32.74
N GLU C 15 -6.58 -12.28 34.03
CA GLU C 15 -6.64 -13.65 34.53
C GLU C 15 -8.00 -14.28 34.30
N ARG C 16 -9.05 -13.47 34.45
CA ARG C 16 -10.38 -13.99 34.25
C ARG C 16 -11.06 -13.47 33.00
N ARG C 17 -10.25 -13.05 32.04
CA ARG C 17 -10.73 -12.57 30.76
C ARG C 17 -11.83 -13.38 30.10
N ALA C 18 -11.78 -14.73 30.21
CA ALA C 18 -12.80 -15.62 29.57
C ALA C 18 -14.22 -15.33 30.02
N ASP C 19 -14.36 -14.68 31.17
CA ASP C 19 -15.66 -14.38 31.75
C ASP C 19 -16.01 -12.91 31.71
N ILE C 20 -15.24 -12.13 30.98
CA ILE C 20 -15.49 -10.69 30.88
C ILE C 20 -16.05 -10.38 29.52
N THR C 21 -17.17 -9.67 29.45
CA THR C 21 -17.76 -9.39 28.18
C THR C 21 -18.15 -7.93 28.14
N PRO C 22 -18.42 -7.40 26.94
CA PRO C 22 -18.88 -6.00 26.98
C PRO C 22 -20.06 -5.75 27.89
N ALA C 23 -21.02 -6.68 27.94
CA ALA C 23 -22.24 -6.54 28.75
C ALA C 23 -21.99 -6.67 30.25
N ASN C 24 -20.95 -7.41 30.65
CA ASN C 24 -20.84 -7.77 32.05
C ASN C 24 -19.68 -7.10 32.77
N VAL C 25 -18.93 -6.23 32.10
CA VAL C 25 -17.75 -5.69 32.71
C VAL C 25 -18.13 -4.61 33.71
N ASP C 26 -17.53 -4.66 34.86
CA ASP C 26 -17.86 -3.63 35.88
C ASP C 26 -17.21 -2.30 35.51
N THR C 27 -17.72 -1.16 35.98
CA THR C 27 -17.13 0.05 35.53
C THR C 27 -15.73 0.29 36.04
N VAL C 28 -15.31 -0.29 37.17
CA VAL C 28 -13.92 -0.08 37.63
C VAL C 28 -12.93 -0.70 36.65
N THR C 29 -13.22 -1.90 36.22
CA THR C 29 -12.37 -2.57 35.26
C THR C 29 -12.46 -1.83 33.95
N ARG C 30 -13.65 -1.45 33.49
CA ARG C 30 -13.75 -0.73 32.24
C ARG C 30 -12.92 0.54 32.29
N GLU C 31 -13.08 1.30 33.39
CA GLU C 31 -12.37 2.55 33.54
C GLU C 31 -10.85 2.40 33.59
N ALA C 32 -10.38 1.34 34.24
CA ALA C 32 -8.98 1.11 34.35
C ALA C 32 -8.38 0.78 32.95
N ILE C 33 -9.05 -0.11 32.21
CA ILE C 33 -8.65 -0.48 30.83
C ILE C 33 -8.57 0.79 29.96
N THR C 34 -9.66 1.53 29.93
CA THR C 34 -9.74 2.66 29.05
C THR C 34 -8.71 3.75 29.43
N HIS C 35 -8.42 3.88 30.73
CA HIS C 35 -7.39 4.80 31.19
C HIS C 35 -5.98 4.39 30.76
N VAL C 36 -5.70 3.10 30.77
CA VAL C 36 -4.43 2.60 30.27
C VAL C 36 -4.27 2.86 28.77
N ILE C 37 -5.28 2.52 27.97
CA ILE C 37 -5.33 2.95 26.54
C ILE C 37 -5.11 4.47 26.42
N ASP C 38 -5.76 5.29 27.25
CA ASP C 38 -5.47 6.73 27.20
C ASP C 38 -3.99 7.15 27.49
N LEU C 39 -3.38 6.47 28.46
CA LEU C 39 -1.95 6.65 28.77
C LEU C 39 -1.06 6.21 27.61
N LEU C 40 -1.40 5.10 26.93
CA LEU C 40 -0.65 4.71 25.74
C LEU C 40 -0.83 5.68 24.59
N ASP C 41 -2.05 6.25 24.50
CA ASP C 41 -2.43 7.18 23.44
C ASP C 41 -1.60 8.43 23.56
N THR C 42 -1.41 8.92 24.80
CA THR C 42 -0.61 10.11 25.13
C THR C 42 0.88 9.86 25.34
N GLY C 43 1.31 8.64 25.15
CA GLY C 43 2.70 8.29 25.35
C GLY C 43 3.16 8.32 26.81
N ALA C 44 2.23 8.41 27.76
CA ALA C 44 2.58 8.38 29.21
C ALA C 44 3.06 7.00 29.58
N LEU C 45 2.59 6.01 28.87
CA LEU C 45 3.02 4.65 29.02
C LEU C 45 3.33 4.14 27.64
N ARG C 46 4.10 3.09 27.55
CA ARG C 46 4.47 2.55 26.27
C ARG C 46 4.74 1.08 26.41
N VAL C 47 4.46 0.33 25.34
CA VAL C 47 4.31 -1.07 25.42
C VAL C 47 5.71 -1.65 25.60
N ALA C 48 6.71 -1.13 24.90
CA ALA C 48 8.10 -1.45 25.23
C ALA C 48 8.95 -0.19 25.32
N GLU C 49 10.07 -0.26 26.05
CA GLU C 49 10.99 0.85 26.14
C GLU C 49 12.38 0.37 26.39
N LYS C 50 13.30 1.28 26.11
CA LYS C 50 14.71 1.03 26.22
C LYS C 50 15.18 1.50 27.58
N ILE C 51 15.58 0.55 28.40
CA ILE C 51 16.20 0.86 29.69
C ILE C 51 17.56 0.21 29.74
N ASP C 52 18.56 1.08 29.89
CA ASP C 52 19.96 0.67 30.02
C ASP C 52 20.44 -0.11 28.82
N GLY C 53 20.09 0.42 27.64
CA GLY C 53 20.54 -0.12 26.38
C GLY C 53 19.76 -1.37 26.00
N GLN C 54 18.75 -1.68 26.82
CA GLN C 54 17.96 -2.88 26.73
C GLN C 54 16.49 -2.53 26.55
N TRP C 55 15.86 -3.18 25.58
CA TRP C 55 14.41 -3.03 25.28
C TRP C 55 13.62 -3.94 26.20
N VAL C 56 12.73 -3.36 27.00
CA VAL C 56 11.88 -4.11 27.91
C VAL C 56 10.44 -4.01 27.41
N THR C 57 9.71 -5.15 27.36
CA THR C 57 8.28 -5.14 27.05
C THR C 57 7.47 -5.26 28.34
N HIS C 58 6.41 -4.48 28.44
CA HIS C 58 5.52 -4.59 29.58
C HIS C 58 4.29 -5.38 29.23
N GLN C 59 4.30 -6.66 29.63
CA GLN C 59 3.17 -7.55 29.34
C GLN C 59 1.84 -6.96 29.70
N TRP C 60 1.79 -6.22 30.81
CA TRP C 60 0.52 -5.77 31.29
C TRP C 60 -0.13 -4.79 30.40
N LEU C 61 0.66 -4.05 29.66
CA LEU C 61 0.08 -3.11 28.70
C LEU C 61 -0.46 -3.86 27.49
N LYS C 62 0.18 -4.94 27.11
CA LYS C 62 -0.40 -5.75 26.09
C LYS C 62 -1.74 -6.36 26.58
N LYS C 63 -1.79 -6.71 27.87
CA LYS C 63 -3.00 -7.26 28.41
C LYS C 63 -4.08 -6.18 28.40
N ALA C 64 -3.73 -4.94 28.70
CA ALA C 64 -4.67 -3.86 28.64
C ALA C 64 -5.24 -3.72 27.24
N VAL C 65 -4.36 -3.74 26.25
CA VAL C 65 -4.81 -3.55 24.86
C VAL C 65 -5.79 -4.69 24.50
N LEU C 66 -5.40 -5.91 24.82
CA LEU C 66 -6.26 -7.08 24.53
C LEU C 66 -7.61 -6.98 25.24
N LEU C 67 -7.63 -6.50 26.49
CA LEU C 67 -8.89 -6.34 27.23
C LEU C 67 -9.77 -5.20 26.71
N SER C 68 -9.13 -4.13 26.25
CA SER C 68 -9.84 -3.06 25.48
C SER C 68 -10.70 -3.56 24.31
N PHE C 69 -10.23 -4.61 23.61
CA PHE C 69 -11.01 -5.31 22.58
C PHE C 69 -12.18 -6.07 23.22
N ARG C 70 -11.85 -6.86 24.21
CA ARG C 70 -12.77 -7.80 24.80
C ARG C 70 -13.95 -7.09 25.41
N ILE C 71 -13.74 -5.90 26.01
CA ILE C 71 -14.81 -5.23 26.69
C ILE C 71 -15.68 -4.30 25.90
N ASN C 72 -15.40 -4.17 24.62
CA ASN C 72 -16.15 -3.23 23.78
C ASN C 72 -16.79 -3.93 22.61
N ASP C 73 -18.03 -3.56 22.41
CA ASP C 73 -18.73 -4.03 21.29
C ASP C 73 -18.31 -3.27 20.01
N ASN C 74 -18.52 -3.90 18.88
CA ASN C 74 -18.38 -3.20 17.60
C ASN C 74 -19.53 -2.19 17.52
N GLN C 75 -19.29 -1.10 16.83
CA GLN C 75 -20.35 -0.13 16.66
C GLN C 75 -20.24 0.45 15.29
N VAL C 76 -21.36 0.91 14.75
CA VAL C 76 -21.39 1.50 13.42
C VAL C 76 -20.64 2.80 13.51
N MET C 77 -19.72 3.02 12.58
CA MET C 77 -19.04 4.29 12.49
C MET C 77 -19.34 4.94 11.11
N GLU C 78 -20.02 6.08 11.15
CA GLU C 78 -20.33 6.83 9.96
C GLU C 78 -19.07 7.35 9.25
N GLY C 79 -18.95 7.08 7.94
CA GLY C 79 -17.77 7.52 7.17
C GLY C 79 -18.02 8.29 5.90
N ALA C 80 -19.15 8.97 5.84
CA ALA C 80 -19.57 9.80 4.72
C ALA C 80 -20.04 8.97 3.56
N GLU C 81 -19.12 8.51 2.74
CA GLU C 81 -19.50 7.79 1.53
C GLU C 81 -19.63 6.30 1.83
N THR C 82 -19.14 5.90 3.02
CA THR C 82 -19.28 4.55 3.49
C THR C 82 -19.52 4.52 5.01
N ARG C 83 -19.73 3.32 5.53
CA ARG C 83 -19.86 3.16 7.01
C ARG C 83 -18.95 2.04 7.40
N TYR C 84 -18.50 2.10 8.66
CA TYR C 84 -17.64 1.07 9.21
C TYR C 84 -18.30 0.44 10.44
N TYR C 85 -17.68 -0.62 10.95
CA TYR C 85 -18.18 -1.38 12.07
C TYR C 85 -17.03 -2.06 12.80
N ASP C 86 -16.69 -1.49 13.93
CA ASP C 86 -15.50 -1.94 14.70
C ASP C 86 -15.64 -1.45 16.13
N LYS C 87 -14.72 -1.89 16.98
CA LYS C 87 -14.83 -1.74 18.43
C LYS C 87 -13.67 -0.93 19.05
N VAL C 88 -12.76 -0.45 18.18
CA VAL C 88 -11.62 0.36 18.58
C VAL C 88 -11.85 1.77 18.10
N PRO C 89 -12.00 2.71 19.03
CA PRO C 89 -12.28 4.04 18.57
C PRO C 89 -11.06 4.66 17.85
N MET C 90 -11.32 5.82 17.26
CA MET C 90 -10.35 6.52 16.44
C MET C 90 -9.69 7.60 17.24
N LYS C 91 -8.35 7.60 17.23
CA LYS C 91 -7.60 8.52 18.04
C LYS C 91 -8.09 9.93 17.88
N PHE C 92 -8.27 10.37 16.65
CA PHE C 92 -8.50 11.78 16.40
C PHE C 92 -9.95 12.18 16.36
N ALA C 93 -10.87 11.24 16.55
CA ALA C 93 -12.28 11.61 16.45
C ALA C 93 -12.65 12.72 17.41
N GLY C 94 -12.02 12.77 18.56
CA GLY C 94 -12.35 13.76 19.57
C GLY C 94 -11.38 14.92 19.68
N TYR C 95 -10.25 14.81 18.97
CA TYR C 95 -9.25 15.89 18.86
C TYR C 95 -9.83 17.14 18.36
N ASP C 96 -9.67 18.23 19.12
CA ASP C 96 -9.92 19.52 18.56
C ASP C 96 -8.64 20.18 17.95
N GLU C 97 -8.85 21.27 17.24
CA GLU C 97 -7.75 21.98 16.59
C GLU C 97 -6.66 22.42 17.54
N ALA C 98 -7.03 22.94 18.73
CA ALA C 98 -6.05 23.26 19.78
C ALA C 98 -5.18 22.09 20.17
N ARG C 99 -5.80 20.95 20.33
CA ARG C 99 -5.05 19.74 20.69
C ARG C 99 -4.08 19.38 19.58
N PHE C 100 -4.55 19.43 18.34
CA PHE C 100 -3.65 19.13 17.22
C PHE C 100 -2.43 20.07 17.16
N GLN C 101 -2.73 21.33 17.40
CA GLN C 101 -1.75 22.38 17.33
C GLN C 101 -0.70 22.26 18.40
N ARG C 102 -1.06 21.90 19.62
CA ARG C 102 -0.07 21.79 20.68
C ARG C 102 0.74 20.48 20.57
N GLU C 103 0.13 19.44 20.03
CA GLU C 103 0.85 18.18 19.90
C GLU C 103 1.84 18.13 18.76
N GLY C 104 1.74 19.10 17.85
CA GLY C 104 2.80 19.44 16.88
C GLY C 104 3.07 18.45 15.73
N PHE C 105 2.11 17.61 15.39
CA PHE C 105 2.36 16.69 14.27
C PHE C 105 1.35 16.90 13.17
N ARG C 106 1.50 16.18 12.05
CA ARG C 106 0.55 16.44 11.01
C ARG C 106 -0.06 15.12 10.65
N VAL C 107 -1.36 15.19 10.35
CA VAL C 107 -2.11 14.06 9.89
C VAL C 107 -2.71 14.34 8.52
N VAL C 108 -2.14 13.71 7.52
CA VAL C 108 -2.46 14.01 6.12
C VAL C 108 -3.56 13.04 5.65
N PRO C 109 -4.71 13.59 5.25
CA PRO C 109 -5.81 12.73 4.85
C PRO C 109 -5.43 11.85 3.67
N PRO C 110 -5.86 10.60 3.68
CA PRO C 110 -6.75 10.00 4.67
C PRO C 110 -6.08 9.24 5.84
N ALA C 111 -4.96 9.75 6.36
CA ALA C 111 -4.21 9.01 7.39
C ALA C 111 -5.11 8.87 8.63
N THR C 112 -5.06 7.68 9.23
CA THR C 112 -5.79 7.50 10.49
C THR C 112 -5.01 6.70 11.46
N VAL C 113 -5.39 6.87 12.72
CA VAL C 113 -4.71 6.27 13.86
C VAL C 113 -5.80 5.72 14.84
N ARG C 114 -5.57 4.51 15.33
CA ARG C 114 -6.45 3.94 16.39
C ARG C 114 -6.09 4.59 17.75
N LYS C 115 -7.11 4.84 18.54
CA LYS C 115 -6.91 5.31 19.90
C LYS C 115 -6.08 4.34 20.71
N GLY C 116 -4.99 4.85 21.24
CA GLY C 116 -4.07 4.04 22.04
C GLY C 116 -2.74 3.89 21.40
N ALA C 117 -2.49 4.72 20.38
CA ALA C 117 -1.18 4.90 19.84
C ALA C 117 -0.74 6.34 20.04
N PHE C 118 0.54 6.46 20.39
CA PHE C 118 1.16 7.76 20.60
C PHE C 118 1.87 8.26 19.31
N ILE C 119 1.61 9.52 19.03
CA ILE C 119 2.24 10.25 17.91
C ILE C 119 2.94 11.50 18.48
N ALA C 120 4.26 11.56 18.34
CA ALA C 120 5.03 12.68 18.91
C ALA C 120 5.14 13.89 17.99
N ARG C 121 5.56 15.02 18.60
CA ARG C 121 5.85 16.25 17.87
C ARG C 121 6.72 16.12 16.62
N ASN C 122 6.36 16.90 15.62
CA ASN C 122 7.11 17.04 14.32
C ASN C 122 7.06 15.81 13.43
N THR C 123 6.26 14.83 13.76
CA THR C 123 6.12 13.73 12.81
C THR C 123 4.99 14.05 11.81
N VAL C 124 5.04 13.33 10.69
CA VAL C 124 4.11 13.59 9.59
C VAL C 124 3.62 12.22 9.22
N LEU C 125 2.31 12.09 9.32
CA LEU C 125 1.60 10.92 8.95
C LEU C 125 0.99 11.21 7.61
N MET C 126 1.68 10.75 6.56
CA MET C 126 1.12 10.80 5.22
C MET C 126 -0.03 9.79 5.26
N PRO C 127 -0.90 9.72 4.23
CA PRO C 127 -1.90 8.59 4.29
C PRO C 127 -1.22 7.32 4.71
N SER C 128 -1.72 6.68 5.78
CA SER C 128 -1.05 5.64 6.54
C SER C 128 -1.93 5.19 7.70
N TYR C 129 -1.48 4.16 8.40
CA TYR C 129 -2.25 3.62 9.49
C TYR C 129 -1.32 3.32 10.61
N VAL C 130 -1.73 3.80 11.80
CA VAL C 130 -1.03 3.49 13.01
C VAL C 130 -2.01 2.70 13.96
N ASN C 131 -1.64 1.49 14.30
CA ASN C 131 -2.50 0.59 15.08
C ASN C 131 -2.32 0.86 16.58
N ILE C 132 -3.23 0.32 17.37
CA ILE C 132 -3.33 0.55 18.81
C ILE C 132 -2.01 0.05 19.47
N GLY C 133 -1.57 0.78 20.47
CA GLY C 133 -0.37 0.38 21.21
C GLY C 133 0.95 0.85 20.63
N ALA C 134 0.96 1.35 19.41
CA ALA C 134 2.22 1.80 18.81
C ALA C 134 2.66 3.12 19.37
N PHE C 135 3.96 3.41 19.16
CA PHE C 135 4.61 4.62 19.63
C PHE C 135 5.47 5.17 18.50
N VAL C 136 5.15 6.34 17.99
CA VAL C 136 5.92 6.95 16.90
C VAL C 136 6.50 8.24 17.47
N ASP C 137 7.84 8.27 17.65
CA ASP C 137 8.55 9.40 18.29
C ASP C 137 8.83 10.57 17.33
N GLU C 138 9.48 11.61 17.87
CA GLU C 138 9.60 12.88 17.28
C GLU C 138 10.35 12.91 15.96
N GLY C 139 9.82 13.73 15.06
CA GLY C 139 10.48 14.04 13.80
C GLY C 139 10.46 12.93 12.77
N THR C 140 9.56 11.98 12.94
CA THR C 140 9.46 10.84 12.04
C THR C 140 8.48 11.03 10.90
N MET C 141 8.78 10.41 9.77
CA MET C 141 7.94 10.50 8.60
C MET C 141 7.38 9.15 8.41
N VAL C 142 6.06 9.08 8.33
CA VAL C 142 5.37 7.89 7.99
C VAL C 142 4.72 8.20 6.68
N ASP C 143 5.26 7.54 5.65
CA ASP C 143 4.91 7.91 4.28
C ASP C 143 3.77 7.08 3.72
N THR C 144 3.42 7.33 2.46
CA THR C 144 2.07 7.06 1.98
C THR C 144 1.84 5.56 1.87
N TRP C 145 0.74 5.09 2.48
CA TRP C 145 0.38 3.72 2.60
C TRP C 145 1.36 2.93 3.46
N ALA C 146 1.99 3.59 4.42
CA ALA C 146 2.77 2.83 5.35
C ALA C 146 1.89 2.47 6.55
N THR C 147 2.42 1.55 7.35
CA THR C 147 1.72 0.94 8.46
C THR C 147 2.71 0.78 9.58
N VAL C 148 2.29 1.24 10.74
CA VAL C 148 2.95 0.98 12.00
C VAL C 148 2.03 0.07 12.85
N GLY C 149 2.35 -1.22 12.89
CA GLY C 149 1.53 -2.24 13.54
C GLY C 149 1.35 -2.09 15.05
N SER C 150 0.48 -2.93 15.63
CA SER C 150 0.19 -2.80 17.06
C SER C 150 1.43 -2.98 17.87
N CYS C 151 1.58 -2.07 18.83
CA CYS C 151 2.69 -2.06 19.80
C CYS C 151 4.08 -1.68 19.27
N ALA C 152 4.20 -1.44 17.95
CA ALA C 152 5.45 -1.08 17.30
C ALA C 152 6.03 0.15 17.97
N GLN C 153 7.35 0.17 18.11
CA GLN C 153 8.05 1.30 18.65
C GLN C 153 8.92 1.90 17.53
N ILE C 154 8.52 3.06 17.08
CA ILE C 154 9.26 3.79 16.04
C ILE C 154 10.02 4.98 16.69
N GLY C 155 11.35 4.99 16.55
CA GLY C 155 12.20 6.03 17.09
C GLY C 155 12.12 7.40 16.47
N LYS C 156 12.96 8.30 16.98
CA LYS C 156 12.99 9.65 16.55
C LYS C 156 13.68 9.77 15.23
N ASN C 157 13.23 10.71 14.40
CA ASN C 157 13.87 11.05 13.14
C ASN C 157 14.02 9.80 12.24
N VAL C 158 13.00 8.96 12.27
CA VAL C 158 12.90 7.78 11.38
C VAL C 158 12.15 8.13 10.09
N HIS C 159 12.58 7.52 8.98
CA HIS C 159 11.82 7.65 7.76
C HIS C 159 11.30 6.31 7.28
N LEU C 160 9.99 6.17 7.41
CA LEU C 160 9.28 5.00 6.93
C LEU C 160 8.67 5.44 5.62
N SER C 161 9.19 4.83 4.55
CA SER C 161 8.91 5.34 3.19
C SER C 161 7.59 4.75 2.72
N GLY C 162 7.20 5.09 1.51
CA GLY C 162 5.90 4.64 1.06
C GLY C 162 5.80 3.14 1.03
N GLY C 163 4.68 2.62 1.52
CA GLY C 163 4.40 1.21 1.42
C GLY C 163 5.15 0.40 2.44
N VAL C 164 5.74 1.05 3.43
CA VAL C 164 6.50 0.32 4.41
C VAL C 164 5.57 -0.19 5.50
N GLY C 165 5.71 -1.44 5.88
CA GLY C 165 4.95 -1.94 7.01
C GLY C 165 5.82 -2.36 8.17
N ILE C 166 5.44 -1.88 9.36
CA ILE C 166 6.11 -2.28 10.58
C ILE C 166 5.09 -3.19 11.32
N GLY C 167 5.45 -4.48 11.43
CA GLY C 167 4.51 -5.54 11.81
C GLY C 167 4.10 -5.44 13.26
N GLY C 168 2.79 -5.54 13.52
CA GLY C 168 2.23 -5.61 14.87
C GLY C 168 2.64 -6.78 15.74
N VAL C 169 2.69 -6.55 17.04
CA VAL C 169 3.00 -7.64 17.99
C VAL C 169 2.19 -7.46 19.26
N LEU C 170 1.18 -8.32 19.44
CA LEU C 170 0.49 -8.45 20.73
C LEU C 170 0.87 -9.81 21.27
N GLU C 171 0.20 -10.85 20.83
CA GLU C 171 0.58 -12.17 21.33
C GLU C 171 1.85 -12.56 20.57
N PRO C 172 2.77 -13.29 21.22
CA PRO C 172 2.72 -13.60 22.63
C PRO C 172 3.02 -12.37 23.45
N LEU C 173 2.42 -12.32 24.63
CA LEU C 173 2.55 -11.20 25.52
C LEU C 173 4.01 -10.91 25.79
N GLN C 174 4.81 -11.98 25.80
CA GLN C 174 6.22 -11.92 26.16
C GLN C 174 7.10 -11.27 25.08
N ALA C 175 6.67 -11.41 23.83
CA ALA C 175 7.43 -11.00 22.67
C ALA C 175 7.58 -9.50 22.56
N ASN C 176 8.82 -9.04 22.49
CA ASN C 176 9.07 -7.65 22.13
C ASN C 176 8.39 -7.29 20.80
N PRO C 177 7.78 -6.10 20.74
CA PRO C 177 7.24 -5.68 19.46
C PRO C 177 8.35 -5.38 18.44
N THR C 178 7.92 -4.97 17.28
CA THR C 178 8.83 -4.60 16.21
C THR C 178 9.36 -3.24 16.60
N ILE C 179 10.68 -3.08 16.50
CA ILE C 179 11.35 -1.89 16.97
C ILE C 179 12.17 -1.31 15.82
N ILE C 180 11.91 -0.05 15.52
CA ILE C 180 12.78 0.74 14.68
C ILE C 180 13.39 1.86 15.52
N GLU C 181 14.72 1.77 15.78
CA GLU C 181 15.43 2.69 16.60
C GLU C 181 15.67 3.97 15.87
N ASP C 182 16.15 4.97 16.60
CA ASP C 182 16.31 6.32 16.09
C ASP C 182 17.12 6.41 14.82
N ASN C 183 16.79 7.40 14.03
CA ASN C 183 17.53 7.79 12.83
C ASN C 183 17.63 6.71 11.73
N CYS C 184 16.67 5.82 11.71
CA CYS C 184 16.62 4.76 10.69
C CYS C 184 15.92 5.28 9.44
N PHE C 185 16.37 4.80 8.30
CA PHE C 185 15.67 5.02 7.04
C PHE C 185 15.17 3.65 6.57
N VAL C 186 13.92 3.51 6.14
CA VAL C 186 13.44 2.24 5.62
C VAL C 186 12.80 2.56 4.27
N GLY C 187 13.30 1.90 3.23
CA GLY C 187 12.96 2.17 1.86
C GLY C 187 11.60 1.70 1.44
N ALA C 188 11.09 2.28 0.38
CA ALA C 188 9.75 1.99 -0.02
C ALA C 188 9.56 0.49 -0.25
N ARG C 189 8.37 0.01 0.12
CA ARG C 189 7.88 -1.35 -0.05
C ARG C 189 8.44 -2.37 0.99
N SER C 190 9.27 -1.91 1.89
CA SER C 190 9.84 -2.81 2.85
C SER C 190 8.91 -3.20 4.02
N GLU C 191 9.15 -4.37 4.55
CA GLU C 191 8.41 -4.80 5.76
C GLU C 191 9.37 -5.35 6.79
N VAL C 192 9.19 -4.86 8.02
CA VAL C 192 9.90 -5.36 9.19
C VAL C 192 8.82 -5.79 10.19
N VAL C 193 8.92 -6.98 10.71
CA VAL C 193 7.80 -7.56 11.46
C VAL C 193 8.29 -8.43 12.56
N GLU C 194 7.33 -8.93 13.35
CA GLU C 194 7.57 -9.98 14.32
C GLU C 194 8.64 -9.69 15.36
N GLY C 195 8.62 -8.48 15.89
CA GLY C 195 9.60 -8.10 16.90
C GLY C 195 11.04 -8.03 16.46
N VAL C 196 11.27 -8.00 15.14
CA VAL C 196 12.58 -7.67 14.61
C VAL C 196 12.91 -6.28 15.14
N ILE C 197 14.16 -6.10 15.51
CA ILE C 197 14.71 -4.84 15.96
C ILE C 197 15.70 -4.35 14.93
N VAL C 198 15.41 -3.19 14.40
CA VAL C 198 16.34 -2.46 13.52
C VAL C 198 17.06 -1.38 14.31
N GLU C 199 18.35 -1.61 14.54
CA GLU C 199 19.11 -0.75 15.42
C GLU C 199 19.45 0.58 14.77
N GLU C 200 19.71 1.56 15.66
CA GLU C 200 19.80 2.96 15.27
C GLU C 200 20.71 3.27 14.13
N GLY C 201 20.29 4.22 13.31
CA GLY C 201 21.16 4.76 12.23
C GLY C 201 21.25 3.83 11.07
N SER C 202 20.39 2.83 11.04
CA SER C 202 20.40 1.87 9.94
C SER C 202 19.66 2.44 8.68
N VAL C 203 20.06 1.97 7.50
CA VAL C 203 19.44 2.31 6.23
C VAL C 203 19.09 1.03 5.49
N ILE C 204 17.80 0.78 5.40
CA ILE C 204 17.26 -0.37 4.71
C ILE C 204 16.70 0.10 3.37
N SER C 205 17.02 -0.57 2.29
CA SER C 205 16.62 -0.04 0.97
C SER C 205 15.20 -0.45 0.66
N MET C 206 14.79 -0.27 -0.59
CA MET C 206 13.53 -0.81 -1.10
C MET C 206 13.44 -2.30 -1.17
N GLY C 207 12.21 -2.78 -0.97
CA GLY C 207 11.93 -4.19 -1.15
C GLY C 207 12.63 -5.10 -0.18
N VAL C 208 12.89 -4.63 1.05
CA VAL C 208 13.47 -5.48 2.04
C VAL C 208 12.41 -6.00 3.00
N PHE C 209 12.40 -7.32 3.13
CA PHE C 209 11.34 -8.07 3.85
C PHE C 209 11.94 -8.90 4.92
N ILE C 210 11.86 -8.39 6.14
CA ILE C 210 12.52 -8.99 7.29
C ILE C 210 11.55 -9.37 8.43
N GLY C 211 11.50 -10.69 8.71
CA GLY C 211 10.87 -11.21 9.94
C GLY C 211 11.85 -12.06 10.68
N GLN C 212 11.37 -12.82 11.69
CA GLN C 212 12.23 -13.76 12.37
C GLN C 212 12.57 -14.89 11.35
N SER C 213 11.81 -14.96 10.26
CA SER C 213 12.05 -15.98 9.21
C SER C 213 13.20 -15.65 8.25
N THR C 214 13.83 -14.48 8.41
CA THR C 214 14.70 -13.95 7.37
C THR C 214 16.16 -13.93 7.72
N ARG C 215 16.96 -14.58 6.86
CA ARG C 215 18.40 -14.56 6.97
C ARG C 215 18.86 -13.16 6.70
N ILE C 216 19.70 -12.60 7.58
CA ILE C 216 20.32 -11.27 7.38
C ILE C 216 21.79 -11.48 7.20
N TYR C 217 22.23 -11.37 5.95
CA TYR C 217 23.56 -11.85 5.64
C TYR C 217 24.48 -10.66 5.61
N ASP C 218 25.53 -10.75 6.41
CA ASP C 218 26.55 -9.74 6.42
C ASP C 218 27.55 -10.20 5.40
N ARG C 219 27.54 -9.52 4.24
CA ARG C 219 28.42 -9.91 3.12
C ARG C 219 29.84 -9.48 3.39
N GLU C 220 30.05 -8.63 4.40
CA GLU C 220 31.41 -8.29 4.82
C GLU C 220 32.09 -9.40 5.63
N THR C 221 31.34 -10.05 6.52
CA THR C 221 31.83 -11.14 7.37
C THR C 221 31.36 -12.54 6.95
N GLY C 222 30.35 -12.62 6.11
CA GLY C 222 29.73 -13.88 5.72
C GLY C 222 28.87 -14.50 6.81
N GLU C 223 28.60 -13.75 7.88
CA GLU C 223 27.82 -14.24 9.01
C GLU C 223 26.33 -13.96 8.72
N VAL C 224 25.44 -14.89 9.09
CA VAL C 224 23.97 -14.65 9.06
C VAL C 224 23.48 -14.21 10.45
N HIS C 225 22.79 -13.08 10.52
CA HIS C 225 22.07 -12.64 11.72
C HIS C 225 20.61 -12.99 11.52
N TYR C 226 19.89 -13.28 12.62
CA TYR C 226 18.40 -13.30 12.60
C TYR C 226 17.79 -12.41 13.68
N GLY C 227 16.78 -11.62 13.30
CA GLY C 227 15.94 -10.88 14.22
C GLY C 227 16.42 -9.49 14.60
N ARG C 228 17.59 -9.12 14.10
CA ARG C 228 18.20 -7.89 14.46
C ARG C 228 19.04 -7.36 13.31
N VAL C 229 18.85 -6.09 13.02
CA VAL C 229 19.73 -5.33 12.10
C VAL C 229 20.65 -4.46 12.93
N PRO C 230 21.94 -4.79 12.96
CA PRO C 230 22.84 -4.03 13.87
C PRO C 230 22.94 -2.59 13.48
N ALA C 231 23.20 -1.71 14.47
CA ALA C 231 23.21 -0.27 14.25
C ALA C 231 24.12 0.10 13.10
N GLY C 232 23.65 1.01 12.27
CA GLY C 232 24.40 1.53 11.13
C GLY C 232 24.52 0.62 9.92
N SER C 233 23.77 -0.48 9.90
CA SER C 233 23.77 -1.38 8.77
C SER C 233 23.11 -0.73 7.55
N VAL C 234 23.72 -0.89 6.40
CA VAL C 234 23.13 -0.55 5.13
C VAL C 234 22.69 -1.84 4.46
N VAL C 235 21.39 -1.98 4.23
CA VAL C 235 20.75 -3.27 3.94
C VAL C 235 19.97 -3.20 2.62
N VAL C 236 20.18 -4.20 1.76
CA VAL C 236 19.53 -4.26 0.47
C VAL C 236 19.01 -5.67 0.33
N SER C 237 18.19 -5.95 -0.67
CA SER C 237 17.75 -7.32 -0.79
C SER C 237 18.70 -8.09 -1.68
N GLY C 238 18.74 -9.37 -1.48
CA GLY C 238 19.58 -10.20 -2.30
C GLY C 238 19.09 -11.56 -2.13
N ASN C 239 19.96 -12.55 -2.42
CA ASN C 239 19.60 -13.95 -2.28
C ASN C 239 20.88 -14.74 -1.99
N LEU C 240 20.74 -15.93 -1.42
CA LEU C 240 21.89 -16.79 -1.18
C LEU C 240 21.66 -18.06 -1.95
N PRO C 241 22.72 -18.61 -2.56
CA PRO C 241 22.58 -19.74 -3.43
C PRO C 241 22.46 -21.05 -2.65
N SER C 242 21.80 -22.02 -3.28
CA SER C 242 21.76 -23.38 -2.80
C SER C 242 23.14 -23.96 -2.94
N LYS C 243 23.39 -25.04 -2.22
CA LYS C 243 24.71 -25.60 -2.23
C LYS C 243 25.12 -25.89 -3.66
N ASP C 244 24.18 -26.40 -4.47
CA ASP C 244 24.51 -26.74 -5.86
C ASP C 244 24.32 -25.60 -6.86
N GLY C 245 23.76 -24.49 -6.38
CA GLY C 245 23.62 -23.26 -7.17
C GLY C 245 22.43 -23.22 -8.11
N SER C 246 21.59 -24.25 -8.04
CA SER C 246 20.43 -24.44 -8.95
C SER C 246 19.45 -23.32 -8.71
N TYR C 247 19.37 -22.91 -7.49
CA TYR C 247 18.44 -21.80 -7.17
C TYR C 247 19.08 -20.97 -6.09
N SER C 248 18.46 -19.84 -5.80
CA SER C 248 18.83 -19.03 -4.67
C SER C 248 17.56 -18.58 -3.96
N LEU C 249 17.68 -18.20 -2.69
CA LEU C 249 16.52 -17.75 -1.87
C LEU C 249 16.75 -16.43 -1.24
N TYR C 250 15.67 -15.64 -1.21
CA TYR C 250 15.68 -14.32 -0.66
C TYR C 250 16.31 -14.18 0.70
N CYS C 251 17.09 -13.11 0.86
CA CYS C 251 17.58 -12.75 2.14
C CYS C 251 17.78 -11.23 2.13
N ALA C 252 18.00 -10.70 3.30
CA ALA C 252 18.41 -9.32 3.39
C ALA C 252 19.93 -9.32 3.53
N VAL C 253 20.62 -8.40 2.89
CA VAL C 253 22.10 -8.36 2.94
C VAL C 253 22.50 -7.01 3.55
N ILE C 254 23.39 -7.11 4.51
CA ILE C 254 24.06 -5.94 5.02
C ILE C 254 25.24 -5.68 4.14
N VAL C 255 25.17 -4.64 3.35
CA VAL C 255 26.25 -4.36 2.38
C VAL C 255 27.38 -3.49 2.95
N LYS C 256 27.09 -2.70 3.97
CA LYS C 256 28.12 -1.97 4.69
C LYS C 256 27.56 -1.42 5.97
N LYS C 257 28.38 -0.73 6.74
CA LYS C 257 27.92 -0.25 8.01
C LYS C 257 28.39 1.17 8.15
N VAL C 258 27.56 2.02 8.71
CA VAL C 258 27.94 3.40 8.95
C VAL C 258 27.86 3.72 10.43
N ASP C 259 28.34 4.91 10.78
CA ASP C 259 28.36 5.33 12.16
C ASP C 259 27.08 6.10 12.38
N ALA C 260 26.21 5.52 13.22
CA ALA C 260 24.83 5.96 13.45
C ALA C 260 24.72 7.43 13.93
N LYS C 261 23.67 8.15 13.47
CA LYS C 261 23.51 9.61 13.76
C LYS C 261 22.37 10.32 12.97
N THR C 262 22.15 11.59 13.30
CA THR C 262 21.31 12.53 12.53
C THR C 262 21.63 12.55 11.04
N ARG C 263 20.60 12.58 10.19
CA ARG C 263 20.78 12.34 8.75
C ARG C 263 20.21 13.42 7.83
N SER C 264 20.62 13.34 6.56
CA SER C 264 19.91 13.95 5.43
C SER C 264 19.78 12.87 4.36
N LYS C 265 18.89 13.10 3.40
CA LYS C 265 18.69 12.16 2.28
C LYS C 265 19.60 12.46 1.07
N VAL C 266 20.51 13.42 1.22
CA VAL C 266 21.69 13.51 0.34
C VAL C 266 22.54 12.27 0.67
N GLY C 267 22.80 12.10 1.99
CA GLY C 267 23.60 10.99 2.53
C GLY C 267 22.98 9.60 2.47
N ILE C 268 21.64 9.51 2.45
CA ILE C 268 20.94 8.23 2.20
C ILE C 268 21.16 7.80 0.74
N ASN C 269 20.79 8.71 -0.18
CA ASN C 269 21.09 8.59 -1.61
C ASN C 269 22.55 8.15 -1.83
N GLU C 270 23.49 8.94 -1.32
CA GLU C 270 24.93 8.69 -1.53
C GLU C 270 25.46 7.41 -0.88
N LEU C 271 24.93 7.01 0.28
CA LEU C 271 25.31 5.74 0.93
C LEU C 271 25.07 4.53 0.01
N LEU C 272 23.90 4.51 -0.64
CA LEU C 272 23.52 3.41 -1.52
C LEU C 272 24.26 3.41 -2.86
N ARG C 273 24.76 4.57 -3.29
CA ARG C 273 25.56 4.66 -4.53
C ARG C 273 26.87 3.89 -4.44
N THR C 274 27.48 3.87 -3.25
CA THR C 274 28.71 3.11 -3.00
C THR C 274 28.50 1.59 -2.90
N ILE C 275 27.25 1.15 -2.73
CA ILE C 275 26.88 -0.28 -2.72
C ILE C 275 27.51 -1.03 -3.89
N ASP C 276 27.76 -2.32 -3.71
CA ASP C 276 28.38 -3.14 -4.76
C ASP C 276 27.43 -4.24 -5.22
#